data_2UXK
#
_entry.id   2UXK
#
_cell.length_a   140.020
_cell.length_b   140.020
_cell.length_c   235.875
_cell.angle_alpha   90.00
_cell.angle_beta   90.00
_cell.angle_gamma   90.00
#
_symmetry.space_group_name_H-M   'P 43 21 2'
#
loop_
_entity.id
_entity.type
_entity.pdbx_description
1 polymer 'REACTION CENTER PROTEIN H CHAIN'
2 polymer 'REACTION CENTER PROTEIN L CHAIN'
3 polymer 'REACTION CENTER PROTEIN M CHAIN'
4 non-polymer GLYCEROL
5 non-polymer 'BACTERIOCHLOROPHYLL A'
6 non-polymer 'LAURYL DIMETHYLAMINE-N-OXIDE'
7 non-polymer 'BACTERIOPHEOPHYTIN A'
8 non-polymer UBIQUINONE-2
9 non-polymer 'PHOSPHATE ION'
10 non-polymer HEPTANE-1,2,3-TRIOL
11 non-polymer 'FE (III) ION'
12 non-polymer UBIQUINONE-10
13 non-polymer SPHEROIDENE
14 non-polymer CARDIOLIPIN
15 water water
#
loop_
_entity_poly.entity_id
_entity_poly.type
_entity_poly.pdbx_seq_one_letter_code
_entity_poly.pdbx_strand_id
1 'polypeptide(L)'
;MVGVTAFGNFDLASLAIYSFWIFLAGLIYYLQTENMREGYPLENEDGTPAANQGPFPLPKPKTFILPHGRGTLTVPGPES
EDRPIALARTAVSEGFPHAPTGDPMKDGVGPASWVARRDLPELDGHGHNKIKPMKAAAGFHVSAGKNPIGLPVRGCDLEI
AGKVVDIWVDIPEQMARFLEVELKDGSTRLLPMQMVKVQSNRVHVNALSSDLFAGIPTIKSPTEVTLLEEDKICGYVAGG
LMYAAPKRKSVVAAMLAEYA
;
H
2 'polypeptide(L)'
;ALLSFERKYRVPGGTLVGGNLFDFWVGPFYVGFFGVATFFFAALGIILIAWSAVLQGTWNPQLISVYPPALEYGLGGAPL
AKGGLWQIITICATGAFVSWALREVEICRKLGIGYHIPFAFAFAILAYLTLVLFRPVMMGAWGYAFPYGIWTHLDWVSNT
GYTYGNFHYNPAHMIAISFFFTNALALALHGALVLSAANPEKGKEMRTPDHEDTFFRDLVGYSIGTLGIHRLGLLLSLSA
VFFSALCMIITGTIWFDQWVDWWQWWVKLPWWANIPGGING
;
L
3 'polypeptide(L)'
;AEYQNIFSQVQVRGPADLGMTEDVNLANRSGVGPFSTLLGWFGNAQLGPIYLGSLGVLSLFSGLMWFFTIGIWFWYQAGW
NPAVFLRDLFFFSLEPPAPEYGLSFAAPLKEGGLWLIASFFMFVAVWSWWGRTYLRAQALGMGKHTAWAFLSAIWLWMVL
GFIRPILMGSWSEAVPYGIFSHLDWTNNFSLVHGNLFYNPFHGLSIAFLYGSALLFAMHGATILAVSRFGGERELEQIAD
RGTAAERAALFWRWTMGFNATMEGIHRWAIWMAVLVTLTGGIGILLSGTVVDNWYVWGQNHGMAPLN
;
M
#
loop_
_chem_comp.id
_chem_comp.type
_chem_comp.name
_chem_comp.formula
BCL non-polymer 'BACTERIOCHLOROPHYLL A' 'C55 H74 Mg N4 O6'
BPH non-polymer 'BACTERIOPHEOPHYTIN A' 'C55 H76 N4 O6'
CDL non-polymer CARDIOLIPIN 'C81 H156 O17 P2 -2'
FE non-polymer 'FE (III) ION' 'Fe 3'
GOL non-polymer GLYCEROL 'C3 H8 O3'
HTO non-polymer HEPTANE-1,2,3-TRIOL 'C7 H16 O3'
LDA non-polymer 'LAURYL DIMETHYLAMINE-N-OXIDE' 'C14 H31 N O'
PO4 non-polymer 'PHOSPHATE ION' 'O4 P -3'
SPO non-polymer SPHEROIDENE 'C41 H60 O'
U10 non-polymer UBIQUINONE-10 'C59 H90 O4'
UQ2 non-polymer UBIQUINONE-2 'C19 H26 O4'
#
# COMPACT_ATOMS: atom_id res chain seq x y z
N ASP A 11 -13.08 -9.14 34.44
CA ASP A 11 -12.81 -9.99 33.24
C ASP A 11 -11.53 -9.53 32.53
N LEU A 12 -10.67 -10.49 32.21
CA LEU A 12 -9.39 -10.19 31.57
C LEU A 12 -9.49 -9.69 30.12
N ALA A 13 -10.47 -10.19 29.37
CA ALA A 13 -10.69 -9.72 28.00
C ALA A 13 -11.14 -8.27 27.97
N SER A 14 -11.94 -7.88 28.97
CA SER A 14 -12.36 -6.48 29.17
C SER A 14 -11.18 -5.56 29.43
N LEU A 15 -10.33 -5.96 30.38
CA LEU A 15 -9.10 -5.24 30.69
C LEU A 15 -8.18 -5.17 29.45
N ALA A 16 -8.10 -6.25 28.69
CA ALA A 16 -7.29 -6.27 27.48
C ALA A 16 -7.77 -5.24 26.45
N ILE A 17 -9.07 -5.24 26.17
CA ILE A 17 -9.62 -4.38 25.12
C ILE A 17 -9.60 -2.91 25.54
N TYR A 18 -9.84 -2.65 26.82
CA TYR A 18 -9.75 -1.30 27.38
C TYR A 18 -8.30 -0.80 27.27
N SER A 19 -7.35 -1.65 27.66
CA SER A 19 -5.94 -1.31 27.56
C SER A 19 -5.51 -1.02 26.13
N PHE A 20 -6.02 -1.82 25.19
CA PHE A 20 -5.68 -1.60 23.80
C PHE A 20 -6.11 -0.23 23.27
N TRP A 21 -7.32 0.18 23.62
CA TRP A 21 -7.81 1.47 23.13
C TRP A 21 -7.00 2.61 23.70
N ILE A 22 -6.47 2.43 24.91
CA ILE A 22 -5.64 3.45 25.50
C ILE A 22 -4.30 3.47 24.77
N PHE A 23 -3.70 2.30 24.58
CA PHE A 23 -2.51 2.18 23.75
C PHE A 23 -2.73 2.85 22.40
N LEU A 24 -3.85 2.54 21.75
CA LEU A 24 -4.05 3.02 20.38
C LEU A 24 -4.08 4.55 20.30
N ALA A 25 -4.80 5.20 21.22
CA ALA A 25 -4.86 6.66 21.25
C ALA A 25 -3.46 7.26 21.43
N GLY A 26 -2.65 6.65 22.32
CA GLY A 26 -1.25 6.97 22.48
C GLY A 26 -0.42 6.79 21.21
N LEU A 27 -0.65 5.68 20.49
CA LEU A 27 0.04 5.43 19.22
C LEU A 27 -0.31 6.53 18.21
N ILE A 28 -1.59 6.86 18.11
CA ILE A 28 -2.03 7.85 17.15
C ILE A 28 -1.40 9.22 17.45
N TYR A 29 -1.30 9.54 18.74
CA TYR A 29 -0.68 10.77 19.19
C TYR A 29 0.81 10.78 18.77
N TYR A 30 1.51 9.70 19.06
CA TYR A 30 2.89 9.53 18.64
C TYR A 30 3.05 9.69 17.13
N LEU A 31 2.20 9.00 16.38
CA LEU A 31 2.25 9.02 14.92
C LEU A 31 1.96 10.39 14.33
N GLN A 32 0.93 11.05 14.82
CA GLN A 32 0.63 12.38 14.31
C GLN A 32 1.78 13.39 14.58
N THR A 33 2.37 13.33 15.78
CA THR A 33 3.44 14.25 16.09
C THR A 33 4.72 13.92 15.29
N GLU A 34 4.96 12.63 15.07
CA GLU A 34 6.05 12.23 14.19
C GLU A 34 5.85 12.85 12.84
N ASN A 35 4.59 12.98 12.42
CA ASN A 35 4.30 13.51 11.10
C ASN A 35 4.23 15.04 11.04
N MET A 36 4.64 15.68 12.12
CA MET A 36 4.68 17.15 12.12
C MET A 36 6.11 17.72 12.13
N ARG A 37 7.09 16.88 11.80
CA ARG A 37 8.47 17.31 11.71
C ARG A 37 8.77 18.22 10.51
N GLU A 38 7.88 18.26 9.52
CA GLU A 38 8.01 19.20 8.39
C GLU A 38 6.71 19.99 8.25
N GLY A 39 6.82 21.26 7.88
CA GLY A 39 5.64 22.06 7.54
C GLY A 39 4.99 22.82 8.68
N TYR A 40 5.38 22.50 9.92
CA TYR A 40 4.82 23.17 11.10
C TYR A 40 5.89 24.07 11.74
N PRO A 41 5.50 25.11 12.49
CA PRO A 41 4.10 25.46 12.79
C PRO A 41 3.26 25.92 11.61
N LEU A 42 1.96 25.76 11.73
CA LEU A 42 1.03 26.25 10.74
C LEU A 42 1.12 27.77 10.66
N GLU A 43 0.72 28.33 9.53
CA GLU A 43 0.93 29.74 9.24
C GLU A 43 -0.30 30.38 8.64
N ASN A 44 -0.50 31.66 8.98
CA ASN A 44 -1.51 32.45 8.28
C ASN A 44 -1.00 32.68 6.87
N GLU A 45 -1.86 33.14 5.97
CA GLU A 45 -1.47 33.33 4.58
C GLU A 45 -0.43 34.43 4.34
N ASP A 46 -0.03 35.14 5.40
CA ASP A 46 1.03 36.15 5.26
C ASP A 46 2.35 35.69 5.88
N GLY A 47 2.40 34.43 6.33
CA GLY A 47 3.62 33.83 6.80
C GLY A 47 3.84 33.87 8.29
N THR A 48 2.96 34.56 9.01
CA THR A 48 3.03 34.63 10.49
C THR A 48 2.49 33.33 11.12
N PRO A 49 2.96 32.98 12.32
CA PRO A 49 2.46 31.77 12.98
C PRO A 49 0.95 31.86 13.22
N ALA A 50 0.22 30.81 12.85
CA ALA A 50 -1.22 30.76 13.02
C ALA A 50 -1.57 30.67 14.50
N ALA A 51 -2.73 31.23 14.88
CA ALA A 51 -3.17 31.21 16.27
C ALA A 51 -3.56 29.80 16.71
N ASN A 52 -4.27 29.08 15.85
CA ASN A 52 -4.69 27.72 16.18
C ASN A 52 -3.73 26.68 15.59
N GLN A 53 -2.95 26.04 16.47
CA GLN A 53 -1.98 25.04 16.02
C GLN A 53 -2.49 23.60 16.10
N GLY A 54 -3.74 23.42 16.54
CA GLY A 54 -4.34 22.11 16.73
C GLY A 54 -3.93 21.50 18.07
N PRO A 55 -4.46 20.32 18.40
CA PRO A 55 -4.23 19.72 19.72
C PRO A 55 -2.89 18.98 19.87
N PHE A 56 -2.22 18.69 18.77
CA PHE A 56 -0.93 17.99 18.84
C PHE A 56 0.23 19.00 18.86
N PRO A 57 1.17 18.84 19.79
CA PRO A 57 2.37 19.69 19.84
C PRO A 57 3.50 19.14 18.96
N LEU A 58 4.44 19.98 18.56
CA LEU A 58 5.60 19.52 17.81
C LEU A 58 6.39 18.55 18.67
N PRO A 59 6.98 17.53 18.06
CA PRO A 59 7.83 16.60 18.81
C PRO A 59 9.22 17.21 19.07
N LYS A 60 9.96 16.58 19.97
CA LYS A 60 11.35 16.89 20.21
C LYS A 60 12.14 16.64 18.91
N PRO A 61 13.08 17.54 18.59
CA PRO A 61 13.85 17.43 17.35
C PRO A 61 14.63 16.12 17.27
N LYS A 62 14.87 15.65 16.06
CA LYS A 62 15.77 14.55 15.85
C LYS A 62 16.79 15.00 14.81
N THR A 63 17.94 14.36 14.81
CA THR A 63 18.99 14.71 13.88
C THR A 63 19.41 13.53 13.01
N PHE A 64 19.25 13.69 11.70
CA PHE A 64 19.76 12.74 10.73
C PHE A 64 21.21 13.10 10.38
N ILE A 65 22.09 12.11 10.44
CA ILE A 65 23.45 12.27 9.94
C ILE A 65 23.50 11.85 8.48
N LEU A 66 23.70 12.81 7.58
CA LEU A 66 23.75 12.53 6.16
C LEU A 66 25.07 11.88 5.79
N PRO A 67 25.03 10.94 4.85
CA PRO A 67 26.27 10.24 4.43
C PRO A 67 27.13 11.15 3.54
N HIS A 68 28.35 10.72 3.22
CA HIS A 68 29.25 11.43 2.29
C HIS A 68 29.59 12.86 2.73
N GLY A 69 29.68 13.08 4.03
CA GLY A 69 30.01 14.39 4.58
C GLY A 69 29.04 15.50 4.21
N ARG A 70 27.82 15.14 3.81
CA ARG A 70 26.83 16.13 3.42
C ARG A 70 26.19 16.90 4.60
N GLY A 71 26.55 16.54 5.83
CA GLY A 71 26.05 17.27 7.00
C GLY A 71 24.96 16.55 7.81
N THR A 72 24.03 17.33 8.36
CA THR A 72 22.96 16.78 9.20
C THR A 72 21.66 17.48 8.91
N LEU A 73 20.55 16.84 9.29
CA LEU A 73 19.23 17.48 9.23
C LEU A 73 18.55 17.36 10.56
N THR A 74 18.11 18.49 11.08
CA THR A 74 17.38 18.50 12.33
C THR A 74 15.94 18.98 12.14
N VAL A 75 15.01 18.11 12.53
CA VAL A 75 13.57 18.38 12.37
C VAL A 75 12.80 17.96 13.62
N PRO A 76 11.83 18.75 14.05
CA PRO A 76 11.49 20.03 13.41
C PRO A 76 12.54 21.13 13.64
N GLY A 77 12.51 22.15 12.78
CA GLY A 77 13.39 23.29 12.91
C GLY A 77 12.85 24.49 12.16
N PRO A 78 13.59 25.61 12.21
CA PRO A 78 13.17 26.86 11.55
C PRO A 78 12.90 26.67 10.07
N GLU A 79 11.70 27.06 9.64
CA GLU A 79 11.20 26.80 8.29
C GLU A 79 11.15 28.05 7.41
N SER A 80 11.69 27.94 6.19
CA SER A 80 11.58 29.01 5.21
C SER A 80 11.71 28.46 3.79
N GLU A 81 10.99 29.10 2.87
CA GLU A 81 10.96 28.68 1.48
C GLU A 81 12.32 28.78 0.79
N ASP A 82 13.04 29.89 1.08
CA ASP A 82 14.34 30.21 0.47
C ASP A 82 14.22 30.41 -1.05
N ARG A 83 13.14 31.08 -1.44
CA ARG A 83 12.91 31.49 -2.83
C ARG A 83 11.78 32.53 -2.83
N PRO A 84 11.72 33.41 -3.81
CA PRO A 84 10.61 34.37 -3.92
C PRO A 84 9.39 33.71 -4.55
N ILE A 85 8.19 34.13 -4.13
CA ILE A 85 6.98 33.51 -4.65
C ILE A 85 6.11 34.56 -5.37
N ALA A 86 6.08 34.47 -6.70
CA ALA A 86 5.37 35.44 -7.50
C ALA A 86 3.87 35.16 -7.54
N LEU A 87 3.24 35.34 -6.37
CA LEU A 87 1.81 35.23 -6.23
C LEU A 87 1.24 36.37 -5.38
N ALA A 88 -0.03 36.69 -5.58
CA ALA A 88 -0.72 37.73 -4.79
C ALA A 88 -2.14 37.32 -4.40
N ARG A 89 -2.54 37.68 -3.17
CA ARG A 89 -3.89 37.48 -2.68
C ARG A 89 -4.96 37.96 -3.66
N THR A 90 -6.01 37.15 -3.83
CA THR A 90 -7.17 37.57 -4.61
C THR A 90 -8.32 38.01 -3.69
N ALA A 91 -8.11 37.92 -2.38
CA ALA A 91 -9.16 38.25 -1.41
C ALA A 91 -8.56 38.63 -0.06
N VAL A 92 -9.30 39.45 0.67
CA VAL A 92 -8.86 39.96 1.98
C VAL A 92 -8.98 38.87 3.05
N SER A 93 -10.08 38.13 3.03
CA SER A 93 -10.24 37.00 3.94
C SER A 93 -9.38 35.79 3.51
N GLU A 94 -9.08 34.92 4.48
CA GLU A 94 -8.33 33.70 4.24
C GLU A 94 -9.11 32.70 3.38
N GLY A 95 -8.40 31.74 2.80
CA GLY A 95 -9.04 30.59 2.16
C GLY A 95 -9.22 30.67 0.66
N PHE A 96 -8.76 31.77 0.07
CA PHE A 96 -8.89 31.94 -1.38
C PHE A 96 -7.55 31.78 -2.10
N PRO A 97 -7.59 31.52 -3.40
CA PRO A 97 -6.36 31.35 -4.19
C PRO A 97 -5.45 32.58 -4.15
N HIS A 98 -4.18 32.35 -4.45
CA HIS A 98 -3.22 33.39 -4.71
C HIS A 98 -2.85 33.28 -6.18
N ALA A 99 -3.09 34.34 -6.94
CA ALA A 99 -2.86 34.36 -8.39
C ALA A 99 -1.41 34.65 -8.75
N PRO A 100 -0.90 33.98 -9.79
CA PRO A 100 0.40 34.32 -10.37
C PRO A 100 0.45 35.80 -10.79
N THR A 101 1.55 36.49 -10.45
CA THR A 101 1.76 37.88 -10.86
C THR A 101 2.60 37.97 -12.12
N GLY A 102 3.11 36.83 -12.58
CA GLY A 102 3.91 36.78 -13.80
C GLY A 102 3.58 35.59 -14.66
N ASP A 103 4.61 34.96 -15.23
CA ASP A 103 4.47 33.67 -15.90
C ASP A 103 4.67 32.57 -14.84
N PRO A 104 3.60 31.86 -14.48
CA PRO A 104 3.67 30.87 -13.39
C PRO A 104 4.68 29.75 -13.68
N MET A 105 4.77 29.35 -14.94
CA MET A 105 5.78 28.37 -15.37
C MET A 105 7.20 28.87 -15.17
N LYS A 106 7.51 30.07 -15.70
CA LYS A 106 8.83 30.66 -15.48
C LYS A 106 9.07 30.98 -14.01
N ASP A 107 8.00 31.39 -13.30
CA ASP A 107 8.17 31.75 -11.88
C ASP A 107 8.19 30.57 -10.90
N GLY A 108 7.85 29.37 -11.38
CA GLY A 108 7.88 28.18 -10.53
C GLY A 108 6.87 28.21 -9.39
N VAL A 109 5.62 28.45 -9.72
CA VAL A 109 4.56 28.47 -8.72
C VAL A 109 3.42 27.59 -9.17
N GLY A 110 2.49 27.33 -8.25
CA GLY A 110 1.37 26.45 -8.54
C GLY A 110 1.90 25.07 -8.89
N PRO A 111 1.28 24.43 -9.87
CA PRO A 111 1.78 23.15 -10.36
C PRO A 111 3.18 23.24 -11.04
N ALA A 112 3.71 24.45 -11.27
CA ALA A 112 5.09 24.58 -11.74
C ALA A 112 6.07 24.76 -10.59
N SER A 113 5.60 24.66 -9.36
CA SER A 113 6.45 24.87 -8.19
C SER A 113 7.66 23.97 -8.08
N TRP A 114 8.68 24.49 -7.40
CA TRP A 114 9.89 23.73 -7.10
C TRP A 114 10.32 24.16 -5.73
N VAL A 115 11.14 23.32 -5.10
CA VAL A 115 11.59 23.52 -3.73
C VAL A 115 13.09 23.74 -3.77
N ALA A 116 13.56 24.63 -2.90
CA ALA A 116 14.97 24.95 -2.77
C ALA A 116 15.73 23.79 -2.15
N ARG A 117 15.87 22.73 -2.93
CA ARG A 117 16.64 21.56 -2.50
C ARG A 117 18.14 21.86 -2.61
N ARG A 118 18.98 20.98 -2.05
CA ARG A 118 20.42 21.09 -2.19
C ARG A 118 20.83 21.19 -3.66
N ASP A 119 21.73 22.12 -3.96
CA ASP A 119 22.29 22.31 -5.30
C ASP A 119 23.49 21.39 -5.51
N LEU A 120 23.34 20.14 -5.07
CA LEU A 120 24.28 19.07 -5.34
C LEU A 120 23.48 17.86 -5.86
N PRO A 121 24.16 16.96 -6.58
CA PRO A 121 23.49 15.76 -7.08
C PRO A 121 23.32 14.73 -5.97
N GLU A 122 22.21 14.00 -5.99
CA GLU A 122 22.05 12.82 -5.13
C GLU A 122 23.20 11.85 -5.42
N LEU A 123 23.78 11.30 -4.36
CA LEU A 123 24.83 10.29 -4.47
C LEU A 123 24.33 8.90 -4.13
N ASP A 124 24.96 7.88 -4.71
CA ASP A 124 24.66 6.50 -4.35
C ASP A 124 25.38 6.13 -3.08
N GLY A 125 25.30 4.85 -2.73
CA GLY A 125 25.91 4.33 -1.52
C GLY A 125 27.42 4.48 -1.48
N HIS A 126 28.08 4.51 -2.64
CA HIS A 126 29.53 4.65 -2.72
C HIS A 126 30.01 6.09 -2.89
N GLY A 127 29.08 7.02 -3.00
CA GLY A 127 29.42 8.44 -3.11
C GLY A 127 29.60 8.94 -4.53
N HIS A 128 29.21 8.13 -5.51
CA HIS A 128 29.20 8.56 -6.91
C HIS A 128 27.84 9.14 -7.26
N ASN A 129 27.81 10.02 -8.25
CA ASN A 129 26.53 10.58 -8.71
C ASN A 129 25.54 9.47 -9.04
N LYS A 130 24.33 9.59 -8.49
CA LYS A 130 23.27 8.59 -8.66
C LYS A 130 22.78 8.56 -10.10
N ILE A 131 22.59 9.75 -10.66
CA ILE A 131 22.08 9.89 -12.02
C ILE A 131 23.19 10.37 -12.99
N LYS A 132 23.39 9.63 -14.08
CA LYS A 132 24.37 9.95 -15.11
C LYS A 132 23.77 9.77 -16.50
N PRO A 133 24.21 10.58 -17.47
CA PRO A 133 23.86 10.32 -18.87
C PRO A 133 24.39 8.92 -19.21
N MET A 134 23.67 8.17 -20.04
CA MET A 134 24.07 6.79 -20.31
C MET A 134 25.47 6.67 -20.93
N LYS A 135 25.84 7.62 -21.78
CA LYS A 135 27.18 7.64 -22.36
C LYS A 135 28.30 7.59 -21.31
N ALA A 136 28.04 8.14 -20.13
CA ALA A 136 29.00 8.17 -19.03
C ALA A 136 28.75 7.06 -18.01
N ALA A 137 27.75 6.23 -18.26
CA ALA A 137 27.45 5.13 -17.35
C ALA A 137 27.90 3.80 -17.96
N ALA A 138 29.04 3.31 -17.48
CA ALA A 138 29.59 2.05 -17.98
C ALA A 138 28.94 0.86 -17.30
N GLY A 139 28.64 -0.22 -18.02
CA GLY A 139 28.39 -0.28 -19.43
C GLY A 139 26.88 -0.50 -19.47
N PHE A 140 26.16 0.59 -19.26
CA PHE A 140 24.71 0.62 -19.34
C PHE A 140 24.26 0.70 -20.77
N HIS A 141 23.11 0.11 -21.05
CA HIS A 141 22.53 0.08 -22.38
C HIS A 141 21.02 -0.15 -22.23
N VAL A 142 20.26 0.13 -23.28
CA VAL A 142 18.86 -0.24 -23.34
C VAL A 142 18.74 -1.77 -23.45
N SER A 143 18.00 -2.37 -22.53
CA SER A 143 17.90 -3.84 -22.44
C SER A 143 16.56 -4.38 -22.92
N ALA A 144 15.58 -3.51 -23.06
CA ALA A 144 14.24 -3.89 -23.51
C ALA A 144 13.41 -2.65 -23.76
N GLY A 145 12.42 -2.78 -24.64
CA GLY A 145 11.59 -1.68 -25.09
C GLY A 145 12.26 -0.88 -26.21
N LYS A 146 11.54 0.10 -26.74
CA LYS A 146 12.06 0.94 -27.81
C LYS A 146 13.17 1.87 -27.28
N ASN A 147 14.37 1.78 -27.87
CA ASN A 147 15.43 2.76 -27.59
C ASN A 147 15.03 4.15 -28.12
N PRO A 148 14.84 5.12 -27.23
CA PRO A 148 14.37 6.44 -27.65
C PRO A 148 15.48 7.34 -28.24
N ILE A 149 16.75 6.99 -28.03
CA ILE A 149 17.85 7.81 -28.53
C ILE A 149 17.78 7.89 -30.05
N GLY A 150 17.82 9.11 -30.57
CA GLY A 150 17.67 9.32 -32.01
C GLY A 150 16.26 9.73 -32.42
N LEU A 151 15.26 9.48 -31.57
CA LEU A 151 13.87 9.82 -31.89
C LEU A 151 13.61 11.34 -31.81
N PRO A 152 12.80 11.87 -32.72
CA PRO A 152 12.31 13.24 -32.60
C PRO A 152 11.32 13.38 -31.43
N VAL A 153 11.37 14.53 -30.78
CA VAL A 153 10.49 14.83 -29.65
C VAL A 153 9.41 15.80 -30.11
N ARG A 154 8.16 15.40 -29.86
CA ARG A 154 7.00 16.19 -30.26
C ARG A 154 6.27 16.75 -29.03
N GLY A 155 5.90 18.02 -29.11
CA GLY A 155 5.12 18.66 -28.06
C GLY A 155 3.62 18.54 -28.31
N CYS A 156 2.82 19.04 -27.38
CA CYS A 156 1.36 18.87 -27.47
C CYS A 156 0.70 19.68 -28.59
N ASP A 157 1.41 20.66 -29.12
CA ASP A 157 0.97 21.35 -30.34
C ASP A 157 1.24 20.51 -31.61
N LEU A 158 1.83 19.32 -31.44
CA LEU A 158 2.13 18.41 -32.54
C LEU A 158 3.29 18.87 -33.44
N GLU A 159 4.15 19.72 -32.89
CA GLU A 159 5.34 20.18 -33.58
C GLU A 159 6.57 19.54 -32.97
N ILE A 160 7.60 19.33 -33.79
CA ILE A 160 8.87 18.79 -33.30
C ILE A 160 9.62 19.88 -32.53
N ALA A 161 10.08 19.54 -31.33
CA ALA A 161 10.85 20.48 -30.51
C ALA A 161 12.31 20.07 -30.35
N GLY A 162 12.67 18.90 -30.86
CA GLY A 162 14.02 18.42 -30.71
C GLY A 162 14.22 16.96 -30.98
N LYS A 163 15.31 16.41 -30.47
CA LYS A 163 15.64 15.01 -30.67
C LYS A 163 16.35 14.44 -29.45
N VAL A 164 16.09 13.16 -29.16
CA VAL A 164 16.67 12.52 -27.99
C VAL A 164 18.10 12.17 -28.30
N VAL A 165 19.02 12.62 -27.45
CA VAL A 165 20.43 12.35 -27.67
C VAL A 165 21.03 11.44 -26.61
N ASP A 166 20.34 11.29 -25.49
CA ASP A 166 20.73 10.34 -24.46
C ASP A 166 19.57 10.06 -23.48
N ILE A 167 19.81 9.05 -22.63
CA ILE A 167 18.96 8.71 -21.50
C ILE A 167 19.81 8.96 -20.27
N TRP A 168 19.27 9.64 -19.27
CA TRP A 168 19.95 9.78 -18.01
C TRP A 168 19.43 8.68 -17.09
N VAL A 169 20.35 7.87 -16.59
CA VAL A 169 20.02 6.67 -15.84
C VAL A 169 20.37 6.86 -14.38
N ASP A 170 19.56 6.23 -13.54
CA ASP A 170 19.78 6.04 -12.12
C ASP A 170 20.62 4.77 -12.05
N ILE A 171 21.90 4.89 -11.74
CA ILE A 171 22.78 3.72 -11.74
C ILE A 171 22.45 2.66 -10.68
N PRO A 172 22.30 3.04 -9.41
CA PRO A 172 21.99 2.05 -8.35
C PRO A 172 20.64 1.36 -8.54
N GLU A 173 19.72 1.97 -9.28
CA GLU A 173 18.38 1.40 -9.45
C GLU A 173 18.14 0.89 -10.86
N GLN A 174 19.14 1.07 -11.71
CA GLN A 174 19.11 0.62 -13.09
C GLN A 174 17.81 1.03 -13.81
N MET A 175 17.52 2.32 -13.80
CA MET A 175 16.33 2.84 -14.45
C MET A 175 16.55 4.14 -15.22
N ALA A 176 15.73 4.33 -16.27
CA ALA A 176 15.73 5.55 -17.05
C ALA A 176 15.01 6.64 -16.26
N ARG A 177 15.68 7.76 -15.97
CA ARG A 177 15.05 8.84 -15.23
C ARG A 177 14.71 10.07 -16.07
N PHE A 178 15.56 10.39 -17.04
CA PHE A 178 15.35 11.54 -17.91
C PHE A 178 15.74 11.17 -19.33
N LEU A 179 15.14 11.87 -20.29
CA LEU A 179 15.65 11.92 -21.65
C LEU A 179 16.34 13.27 -21.87
N GLU A 180 17.54 13.24 -22.45
CA GLU A 180 18.24 14.47 -22.86
C GLU A 180 17.82 14.80 -24.28
N VAL A 181 17.24 15.99 -24.44
CA VAL A 181 16.65 16.39 -25.70
C VAL A 181 17.38 17.60 -26.25
N GLU A 182 17.85 17.49 -27.49
CA GLU A 182 18.56 18.59 -28.15
C GLU A 182 17.57 19.49 -28.89
N LEU A 183 17.65 20.78 -28.61
CA LEU A 183 16.78 21.75 -29.26
C LEU A 183 17.42 22.27 -30.54
N LYS A 184 16.64 23.04 -31.31
CA LYS A 184 17.08 23.65 -32.55
C LYS A 184 18.41 24.41 -32.43
N ASP A 185 18.62 25.06 -31.29
CA ASP A 185 19.82 25.86 -31.08
C ASP A 185 21.04 25.05 -30.65
N GLY A 186 20.91 23.72 -30.62
CA GLY A 186 22.00 22.85 -30.23
C GLY A 186 22.21 22.63 -28.75
N SER A 187 21.44 23.33 -27.91
CA SER A 187 21.49 23.08 -26.45
C SER A 187 20.55 21.91 -26.06
N THR A 188 20.76 21.35 -24.86
CA THR A 188 19.92 20.25 -24.40
C THR A 188 19.09 20.56 -23.15
N ARG A 189 17.98 19.82 -22.99
CA ARG A 189 17.15 19.86 -21.80
C ARG A 189 16.84 18.45 -21.33
N LEU A 190 16.66 18.29 -20.02
CA LEU A 190 16.21 17.03 -19.45
C LEU A 190 14.70 16.99 -19.42
N LEU A 191 14.13 15.93 -19.99
CA LEU A 191 12.71 15.64 -19.89
C LEU A 191 12.52 14.43 -18.99
N PRO A 192 11.74 14.60 -17.91
CA PRO A 192 11.46 13.51 -16.97
C PRO A 192 10.82 12.31 -17.68
N MET A 193 11.31 11.11 -17.38
CA MET A 193 10.85 9.88 -18.02
C MET A 193 9.34 9.62 -17.83
N GLN A 194 8.85 9.99 -16.65
CA GLN A 194 7.46 9.86 -16.27
C GLN A 194 6.53 10.78 -17.06
N MET A 195 7.11 11.70 -17.84
CA MET A 195 6.33 12.71 -18.54
C MET A 195 6.43 12.61 -20.07
N VAL A 196 7.00 11.53 -20.57
CA VAL A 196 7.14 11.35 -22.01
C VAL A 196 6.52 10.03 -22.44
N LYS A 197 6.00 9.99 -23.67
CA LYS A 197 5.50 8.76 -24.26
C LYS A 197 6.46 8.32 -25.37
N VAL A 198 7.15 7.20 -25.14
CA VAL A 198 8.04 6.67 -26.16
C VAL A 198 7.21 5.85 -27.15
N GLN A 199 7.17 6.30 -28.39
CA GLN A 199 6.48 5.55 -29.45
C GLN A 199 7.52 5.01 -30.42
N SER A 200 7.07 4.33 -31.47
CA SER A 200 7.99 3.67 -32.39
C SER A 200 8.74 4.64 -33.30
N ASN A 201 8.11 5.78 -33.61
CA ASN A 201 8.71 6.78 -34.49
C ASN A 201 8.95 8.15 -33.82
N ARG A 202 8.63 8.27 -32.54
CA ARG A 202 8.77 9.55 -31.83
C ARG A 202 8.67 9.43 -30.32
N VAL A 203 9.10 10.47 -29.62
CA VAL A 203 8.76 10.62 -28.22
C VAL A 203 7.79 11.78 -28.15
N HIS A 204 6.61 11.51 -27.57
CA HIS A 204 5.58 12.51 -27.42
C HIS A 204 5.52 13.03 -26.00
N VAL A 205 5.46 14.35 -25.87
CA VAL A 205 5.42 15.02 -24.58
C VAL A 205 4.12 15.82 -24.47
N ASN A 206 3.18 15.31 -23.69
CA ASN A 206 1.86 15.91 -23.60
C ASN A 206 1.85 17.21 -22.78
N ALA A 207 2.74 17.33 -21.82
CA ALA A 207 2.73 18.45 -20.89
C ALA A 207 3.17 19.79 -21.52
N LEU A 208 3.98 19.74 -22.58
CA LEU A 208 4.58 20.95 -23.14
C LEU A 208 4.39 21.10 -24.64
N SER A 209 3.99 22.28 -25.07
CA SER A 209 4.01 22.60 -26.50
C SER A 209 5.46 22.86 -26.93
N SER A 210 5.73 22.72 -28.23
CA SER A 210 7.10 22.85 -28.76
C SER A 210 7.80 24.14 -28.31
N ASP A 211 7.08 25.25 -28.24
CA ASP A 211 7.66 26.54 -27.85
C ASP A 211 8.09 26.63 -26.39
N LEU A 212 7.80 25.59 -25.61
CA LEU A 212 8.04 25.67 -24.17
C LEU A 212 9.30 24.90 -23.72
N PHE A 213 9.89 24.18 -24.67
CA PHE A 213 11.07 23.38 -24.38
C PHE A 213 12.28 24.25 -24.04
N ALA A 214 12.42 25.37 -24.75
CA ALA A 214 13.56 26.27 -24.52
C ALA A 214 13.48 26.80 -23.11
N GLY A 215 12.26 27.05 -22.65
CA GLY A 215 12.00 27.48 -21.28
C GLY A 215 12.30 26.49 -20.16
N ILE A 216 12.41 25.20 -20.48
CA ILE A 216 12.80 24.21 -19.46
C ILE A 216 14.11 24.64 -18.80
N PRO A 217 14.15 24.71 -17.47
CA PRO A 217 15.40 25.01 -16.75
C PRO A 217 16.57 24.15 -17.22
N THR A 218 17.77 24.74 -17.18
CA THR A 218 18.94 24.09 -17.75
C THR A 218 19.80 23.65 -16.59
N ILE A 219 20.71 22.72 -16.87
CA ILE A 219 21.64 22.27 -15.86
C ILE A 219 23.01 22.97 -15.99
N LYS A 220 23.61 23.27 -14.85
CA LYS A 220 24.89 23.98 -14.75
C LYS A 220 26.04 23.20 -15.45
N SER A 221 26.14 21.89 -15.20
CA SER A 221 27.13 21.00 -15.83
C SER A 221 26.44 19.97 -16.71
N PRO A 222 27.02 19.68 -17.87
CA PRO A 222 26.37 18.79 -18.83
C PRO A 222 26.35 17.31 -18.41
N THR A 223 27.10 16.91 -17.38
CA THR A 223 27.24 15.50 -17.02
C THR A 223 26.65 15.09 -15.66
N GLU A 224 25.95 16.01 -14.99
CA GLU A 224 25.31 15.73 -13.71
C GLU A 224 24.06 16.61 -13.52
N VAL A 225 23.17 16.21 -12.62
CA VAL A 225 22.03 17.07 -12.31
C VAL A 225 21.89 17.16 -10.80
N THR A 226 21.64 18.36 -10.29
CA THR A 226 21.50 18.51 -8.85
C THR A 226 20.03 18.35 -8.47
N LEU A 227 19.77 18.12 -7.19
CA LEU A 227 18.40 18.01 -6.69
C LEU A 227 17.56 19.25 -7.01
N LEU A 228 18.16 20.43 -6.82
CA LEU A 228 17.51 21.68 -7.14
C LEU A 228 17.11 21.74 -8.61
N GLU A 229 18.05 21.41 -9.48
CA GLU A 229 17.82 21.33 -10.91
C GLU A 229 16.68 20.33 -11.27
N GLU A 230 16.72 19.14 -10.65
CA GLU A 230 15.66 18.14 -10.88
C GLU A 230 14.30 18.73 -10.51
N ASP A 231 14.24 19.37 -9.36
CA ASP A 231 12.99 19.97 -8.89
C ASP A 231 12.48 21.02 -9.85
N LYS A 232 13.36 21.93 -10.28
CA LYS A 232 13.00 22.97 -11.24
C LYS A 232 12.51 22.38 -12.54
N ILE A 233 13.26 21.41 -13.08
CA ILE A 233 12.86 20.72 -14.30
C ILE A 233 11.50 19.98 -14.13
N CYS A 234 11.40 19.13 -13.12
CA CYS A 234 10.18 18.32 -12.95
C CYS A 234 8.96 19.22 -12.73
N GLY A 235 9.11 20.20 -11.84
CA GLY A 235 8.09 21.21 -11.59
C GLY A 235 7.62 21.93 -12.84
N TYR A 236 8.58 22.39 -13.64
CA TYR A 236 8.27 23.13 -14.85
C TYR A 236 7.48 22.28 -15.83
N VAL A 237 7.94 21.06 -16.07
CA VAL A 237 7.27 20.16 -17.01
C VAL A 237 5.85 19.82 -16.53
N ALA A 238 5.71 19.47 -15.25
CA ALA A 238 4.37 19.16 -14.73
C ALA A 238 3.45 20.39 -14.82
N GLY A 239 4.00 21.58 -14.56
CA GLY A 239 3.29 22.86 -14.71
C GLY A 239 2.61 23.10 -16.04
N GLY A 240 3.18 22.54 -17.11
CA GLY A 240 2.62 22.68 -18.45
C GLY A 240 1.25 22.05 -18.63
N LEU A 241 0.92 21.02 -17.85
CA LEU A 241 -0.39 20.40 -17.99
C LEU A 241 -1.50 21.42 -17.70
N MET A 242 -1.34 22.25 -16.67
CA MET A 242 -2.27 23.33 -16.40
C MET A 242 -2.02 24.58 -17.27
N TYR A 243 -0.75 24.97 -17.42
CA TYR A 243 -0.44 26.28 -18.02
C TYR A 243 -0.23 26.32 -19.55
N ALA A 244 -0.09 25.16 -20.19
CA ALA A 244 0.01 25.09 -21.65
C ALA A 244 -1.29 24.65 -22.32
N ALA A 245 -2.29 24.26 -21.51
CA ALA A 245 -3.61 23.79 -21.98
C ALA A 245 -4.29 24.56 -23.14
N PRO A 246 -4.10 25.90 -23.25
CA PRO A 246 -4.43 26.63 -24.48
C PRO A 246 -4.18 25.89 -25.82
N LYS A 247 -2.91 25.66 -26.20
CA LYS A 247 -2.56 25.03 -27.50
C LYS A 247 -2.54 23.49 -27.50
N ARG A 248 -3.69 22.89 -27.13
CA ARG A 248 -3.88 21.45 -27.01
C ARG A 248 -5.33 21.16 -26.53
N LYS A 249 -6.27 20.78 -27.42
CA LYS A 249 -6.15 20.67 -28.90
C LYS A 249 -5.10 19.70 -29.48
N SER A 250 -5.41 18.40 -29.40
CA SER A 250 -4.61 17.34 -30.03
C SER A 250 -5.49 16.19 -30.53
N VAL A 251 -6.26 15.57 -29.78
N ALA B 1 -3.36 27.93 9.52
CA ALA B 1 -4.18 27.21 8.51
C ALA B 1 -3.38 26.68 7.31
N LEU B 2 -2.11 27.06 7.20
CA LEU B 2 -1.27 26.61 6.08
C LEU B 2 0.03 26.01 6.57
N LEU B 3 0.46 24.93 5.92
CA LEU B 3 1.79 24.39 6.15
C LEU B 3 2.83 25.41 5.66
N SER B 4 4.01 25.39 6.25
CA SER B 4 5.06 26.37 5.92
C SER B 4 5.37 26.49 4.42
N PHE B 5 5.16 25.40 3.67
CA PHE B 5 5.51 25.36 2.25
C PHE B 5 4.30 25.46 1.32
N GLU B 6 3.12 25.66 1.91
CA GLU B 6 1.85 25.47 1.19
C GLU B 6 1.46 26.57 0.20
N ARG B 7 1.77 27.82 0.55
CA ARG B 7 1.25 29.01 -0.16
C ARG B 7 1.46 28.96 -1.68
N LYS B 8 2.69 28.66 -2.11
CA LYS B 8 3.02 28.59 -3.54
C LYS B 8 2.16 27.62 -4.32
N TYR B 9 1.52 26.66 -3.64
CA TYR B 9 0.65 25.71 -4.31
C TYR B 9 -0.82 26.14 -4.44
N ARG B 10 -1.22 27.10 -3.62
CA ARG B 10 -2.63 27.51 -3.57
C ARG B 10 -2.97 28.50 -4.67
N VAL B 11 -2.94 28.04 -5.92
CA VAL B 11 -3.23 28.86 -7.08
C VAL B 11 -4.63 28.55 -7.62
N PRO B 12 -5.19 29.43 -8.46
CA PRO B 12 -6.46 29.13 -9.14
C PRO B 12 -6.29 28.06 -10.19
N GLY B 13 -7.39 27.38 -10.52
CA GLY B 13 -7.41 26.44 -11.63
C GLY B 13 -7.43 24.98 -11.21
N GLY B 14 -7.84 24.14 -12.16
CA GLY B 14 -7.86 22.71 -11.97
C GLY B 14 -9.26 22.16 -11.85
N THR B 15 -10.25 23.03 -11.62
CA THR B 15 -11.62 22.59 -11.35
C THR B 15 -12.22 21.96 -12.58
N LEU B 16 -13.19 21.08 -12.37
CA LEU B 16 -13.85 20.36 -13.46
C LEU B 16 -15.17 21.01 -13.81
N VAL B 17 -15.83 21.56 -12.80
CA VAL B 17 -17.14 22.18 -12.96
C VAL B 17 -17.18 23.51 -12.19
N GLY B 18 -17.79 24.52 -12.81
CA GLY B 18 -18.07 25.80 -12.16
C GLY B 18 -16.98 26.85 -12.17
N GLY B 19 -15.90 26.59 -12.91
CA GLY B 19 -14.78 27.54 -13.00
C GLY B 19 -14.23 27.89 -11.63
N ASN B 20 -14.34 29.15 -11.26
CA ASN B 20 -13.77 29.62 -10.00
C ASN B 20 -14.79 29.75 -8.85
N LEU B 21 -16.05 29.43 -9.14
CA LEU B 21 -17.11 29.51 -8.14
C LEU B 21 -16.68 28.88 -6.81
N PHE B 22 -16.29 27.61 -6.84
CA PHE B 22 -16.03 26.87 -5.63
C PHE B 22 -14.53 26.67 -5.38
N ASP B 23 -13.73 27.39 -6.16
CA ASP B 23 -12.29 27.30 -6.07
C ASP B 23 -11.72 27.99 -4.83
N PHE B 24 -11.83 27.34 -3.67
CA PHE B 24 -11.29 27.86 -2.42
C PHE B 24 -11.19 26.77 -1.35
N TRP B 25 -10.62 27.13 -0.21
CA TRP B 25 -10.42 26.22 0.91
C TRP B 25 -11.23 26.68 2.12
N VAL B 26 -11.52 25.74 3.01
CA VAL B 26 -12.00 26.02 4.35
C VAL B 26 -11.00 25.36 5.32
N GLY B 27 -10.20 26.17 6.00
CA GLY B 27 -9.07 25.65 6.73
C GLY B 27 -8.15 24.88 5.77
N PRO B 28 -7.79 23.64 6.13
CA PRO B 28 -6.96 22.79 5.23
C PRO B 28 -7.75 22.24 4.05
N PHE B 29 -9.07 22.12 4.19
CA PHE B 29 -9.88 21.38 3.22
C PHE B 29 -10.09 22.19 1.97
N TYR B 30 -9.82 21.59 0.82
CA TYR B 30 -10.22 22.18 -0.45
C TYR B 30 -11.71 21.92 -0.67
N VAL B 31 -12.38 22.87 -1.30
CA VAL B 31 -13.80 22.70 -1.54
C VAL B 31 -14.03 22.14 -2.94
N GLY B 32 -14.22 23.01 -3.92
CA GLY B 32 -14.53 22.63 -5.27
C GLY B 32 -16.01 22.28 -5.39
N PHE B 33 -16.50 22.21 -6.62
CA PHE B 33 -17.89 21.82 -6.82
C PHE B 33 -18.21 20.47 -6.14
N PHE B 34 -17.31 19.51 -6.32
CA PHE B 34 -17.53 18.17 -5.77
C PHE B 34 -17.36 18.09 -4.28
N GLY B 35 -16.66 19.07 -3.70
CA GLY B 35 -16.66 19.24 -2.26
C GLY B 35 -18.08 19.57 -1.77
N VAL B 36 -18.75 20.44 -2.51
CA VAL B 36 -20.15 20.83 -2.23
C VAL B 36 -21.11 19.65 -2.49
N ALA B 37 -20.88 18.96 -3.61
CA ALA B 37 -21.63 17.75 -3.96
C ALA B 37 -21.51 16.69 -2.86
N THR B 38 -20.28 16.46 -2.39
CA THR B 38 -20.04 15.51 -1.30
C THR B 38 -20.85 15.89 -0.08
N PHE B 39 -20.80 17.17 0.29
CA PHE B 39 -21.55 17.65 1.44
C PHE B 39 -23.06 17.39 1.30
N PHE B 40 -23.62 17.67 0.12
CA PHE B 40 -25.05 17.51 -0.10
C PHE B 40 -25.44 16.03 0.03
N PHE B 41 -24.75 15.15 -0.72
CA PHE B 41 -25.01 13.71 -0.72
C PHE B 41 -24.83 13.15 0.68
N ALA B 42 -23.74 13.53 1.34
CA ALA B 42 -23.48 13.04 2.69
C ALA B 42 -24.53 13.49 3.69
N ALA B 43 -24.84 14.80 3.71
CA ALA B 43 -25.80 15.33 4.67
C ALA B 43 -27.18 14.70 4.46
N LEU B 44 -27.61 14.59 3.20
CA LEU B 44 -28.85 13.90 2.86
C LEU B 44 -28.90 12.46 3.40
N GLY B 45 -27.88 11.66 3.06
CA GLY B 45 -27.79 10.28 3.52
C GLY B 45 -27.90 10.17 5.03
N ILE B 46 -27.13 11.01 5.73
CA ILE B 46 -27.12 11.01 7.18
C ILE B 46 -28.50 11.38 7.77
N ILE B 47 -29.20 12.33 7.14
CA ILE B 47 -30.53 12.76 7.60
C ILE B 47 -31.51 11.59 7.42
N LEU B 48 -31.40 10.92 6.28
CA LEU B 48 -32.22 9.74 6.00
C LEU B 48 -31.93 8.56 6.96
N ILE B 49 -30.66 8.38 7.35
CA ILE B 49 -30.32 7.35 8.34
C ILE B 49 -31.02 7.68 9.67
N ALA B 50 -30.89 8.93 10.11
CA ALA B 50 -31.53 9.41 11.33
C ALA B 50 -33.06 9.26 11.27
N TRP B 51 -33.65 9.55 10.11
CA TRP B 51 -35.08 9.30 9.91
C TRP B 51 -35.40 7.82 10.11
N SER B 52 -34.62 6.94 9.47
CA SER B 52 -34.78 5.50 9.61
C SER B 52 -34.64 5.07 11.08
N ALA B 53 -33.73 5.70 11.80
CA ALA B 53 -33.52 5.43 13.22
C ALA B 53 -34.76 5.78 14.04
N VAL B 54 -35.40 6.90 13.67
CA VAL B 54 -36.65 7.31 14.30
C VAL B 54 -37.75 6.28 14.01
N LEU B 55 -37.88 5.86 12.75
CA LEU B 55 -38.84 4.83 12.38
C LEU B 55 -38.56 3.48 13.05
N GLN B 56 -37.30 3.21 13.33
CA GLN B 56 -36.88 1.99 14.03
C GLN B 56 -37.13 2.12 15.53
N GLY B 57 -37.12 3.35 16.04
CA GLY B 57 -37.30 3.64 17.45
C GLY B 57 -36.06 3.58 18.31
N THR B 58 -34.90 3.90 17.73
CA THR B 58 -33.65 3.89 18.48
C THR B 58 -32.66 4.93 17.97
N TRP B 59 -31.81 5.39 18.87
CA TRP B 59 -30.71 6.31 18.58
C TRP B 59 -29.38 5.62 18.90
N ASN B 60 -29.46 4.39 19.40
CA ASN B 60 -28.26 3.66 19.71
C ASN B 60 -27.49 3.30 18.42
N PRO B 61 -26.24 3.76 18.33
CA PRO B 61 -25.45 3.61 17.11
C PRO B 61 -25.17 2.14 16.82
N GLN B 62 -25.06 1.36 17.89
CA GLN B 62 -24.91 -0.10 17.80
C GLN B 62 -26.21 -0.86 17.45
N LEU B 63 -27.33 -0.15 17.40
CA LEU B 63 -28.61 -0.76 17.05
C LEU B 63 -29.19 -0.28 15.73
N ILE B 64 -28.98 0.99 15.40
CA ILE B 64 -29.52 1.55 14.15
C ILE B 64 -29.13 0.67 12.99
N SER B 65 -30.11 0.28 12.18
CA SER B 65 -29.85 -0.54 11.02
C SER B 65 -30.85 -0.22 9.94
N VAL B 66 -30.39 0.04 8.72
CA VAL B 66 -31.27 0.34 7.60
C VAL B 66 -31.20 -0.84 6.64
N TYR B 67 -32.33 -1.51 6.43
CA TYR B 67 -32.40 -2.71 5.57
C TYR B 67 -32.89 -2.43 4.19
N PRO B 68 -32.35 -3.14 3.20
CA PRO B 68 -32.89 -3.10 1.84
C PRO B 68 -34.34 -3.63 1.79
N PRO B 69 -35.08 -3.37 0.71
CA PRO B 69 -36.43 -3.92 0.54
C PRO B 69 -36.40 -5.46 0.68
N ALA B 70 -37.46 -6.04 1.24
CA ALA B 70 -37.64 -7.50 1.22
C ALA B 70 -37.57 -8.03 -0.21
N LEU B 71 -37.21 -9.30 -0.35
CA LEU B 71 -37.06 -9.93 -1.68
C LEU B 71 -38.27 -9.76 -2.61
N GLU B 72 -39.48 -9.79 -2.03
CA GLU B 72 -40.71 -9.66 -2.85
C GLU B 72 -40.81 -8.36 -3.68
N TYR B 73 -40.08 -7.31 -3.30
CA TYR B 73 -40.04 -6.10 -4.10
C TYR B 73 -39.23 -6.26 -5.38
N GLY B 74 -38.46 -7.34 -5.45
CA GLY B 74 -37.56 -7.55 -6.57
C GLY B 74 -36.66 -6.34 -6.69
N LEU B 75 -36.57 -5.81 -7.90
CA LEU B 75 -35.77 -4.63 -8.24
C LEU B 75 -36.62 -3.35 -8.35
N GLY B 76 -37.81 -3.37 -7.76
CA GLY B 76 -38.70 -2.22 -7.77
C GLY B 76 -38.51 -1.31 -6.58
N GLY B 77 -39.15 -0.15 -6.61
CA GLY B 77 -39.17 0.77 -5.48
C GLY B 77 -39.90 0.16 -4.29
N ALA B 78 -39.65 0.69 -3.10
CA ALA B 78 -40.30 0.20 -1.90
C ALA B 78 -40.73 1.35 -0.99
N PRO B 79 -41.77 1.15 -0.19
CA PRO B 79 -42.11 2.10 0.87
C PRO B 79 -40.86 2.50 1.65
N LEU B 80 -40.75 3.81 1.93
CA LEU B 80 -39.65 4.39 2.68
C LEU B 80 -39.28 3.53 3.89
N ALA B 81 -40.31 3.13 4.65
CA ALA B 81 -40.11 2.44 5.91
C ALA B 81 -39.80 0.95 5.73
N LYS B 82 -39.98 0.47 4.50
CA LYS B 82 -39.79 -0.95 4.20
C LYS B 82 -38.79 -1.14 3.04
N GLY B 83 -37.69 -0.38 3.08
CA GLY B 83 -36.62 -0.52 2.10
C GLY B 83 -36.30 0.69 1.26
N GLY B 84 -37.24 1.63 1.18
CA GLY B 84 -37.07 2.82 0.38
C GLY B 84 -35.98 3.72 0.92
N LEU B 85 -35.90 3.81 2.24
CA LEU B 85 -34.85 4.62 2.85
C LEU B 85 -33.49 4.08 2.44
N TRP B 86 -33.31 2.77 2.62
CA TRP B 86 -32.11 2.09 2.15
C TRP B 86 -31.78 2.47 0.70
N GLN B 87 -32.77 2.42 -0.18
CA GLN B 87 -32.52 2.71 -1.60
C GLN B 87 -32.01 4.13 -1.84
N ILE B 88 -32.58 5.10 -1.13
CA ILE B 88 -32.20 6.50 -1.34
C ILE B 88 -30.86 6.77 -0.69
N ILE B 89 -30.62 6.20 0.49
CA ILE B 89 -29.33 6.30 1.16
C ILE B 89 -28.20 5.72 0.29
N THR B 90 -28.47 4.61 -0.41
CA THR B 90 -27.51 3.98 -1.30
C THR B 90 -27.13 4.94 -2.43
N ILE B 91 -28.14 5.60 -3.01
CA ILE B 91 -27.90 6.63 -4.02
C ILE B 91 -27.05 7.75 -3.43
N CYS B 92 -27.42 8.24 -2.25
CA CYS B 92 -26.63 9.28 -1.58
C CYS B 92 -25.18 8.85 -1.34
N ALA B 93 -24.99 7.61 -0.87
CA ALA B 93 -23.67 7.06 -0.60
C ALA B 93 -22.84 7.03 -1.87
N THR B 94 -23.44 6.53 -2.94
CA THR B 94 -22.76 6.46 -4.22
C THR B 94 -22.39 7.86 -4.70
N GLY B 95 -23.32 8.79 -4.62
CA GLY B 95 -23.09 10.17 -5.03
C GLY B 95 -21.97 10.78 -4.21
N ALA B 96 -21.97 10.53 -2.91
CA ALA B 96 -20.90 10.99 -2.04
C ALA B 96 -19.52 10.40 -2.34
N PHE B 97 -19.46 9.09 -2.64
CA PHE B 97 -18.18 8.44 -2.88
C PHE B 97 -17.63 8.94 -4.20
N VAL B 98 -18.48 8.97 -5.23
CA VAL B 98 -18.09 9.43 -6.55
C VAL B 98 -17.70 10.91 -6.50
N SER B 99 -18.43 11.70 -5.71
CA SER B 99 -18.08 13.10 -5.54
C SER B 99 -16.72 13.29 -4.87
N TRP B 100 -16.42 12.44 -3.89
CA TRP B 100 -15.14 12.47 -3.20
C TRP B 100 -13.97 12.20 -4.18
N ALA B 101 -14.16 11.20 -5.03
CA ALA B 101 -13.20 10.84 -6.07
C ALA B 101 -12.99 12.00 -7.03
N LEU B 102 -14.09 12.57 -7.54
CA LEU B 102 -14.00 13.70 -8.47
C LEU B 102 -13.35 14.94 -7.84
N ARG B 103 -13.62 15.18 -6.56
CA ARG B 103 -12.92 16.22 -5.82
C ARG B 103 -11.42 15.92 -5.74
N GLU B 104 -11.05 14.64 -5.56
CA GLU B 104 -9.64 14.24 -5.56
C GLU B 104 -9.03 14.55 -6.93
N VAL B 105 -9.77 14.28 -7.99
CA VAL B 105 -9.33 14.63 -9.34
C VAL B 105 -9.02 16.14 -9.46
N GLU B 106 -9.91 16.99 -8.96
CA GLU B 106 -9.68 18.43 -8.95
C GLU B 106 -8.40 18.76 -8.20
N ILE B 107 -8.21 18.15 -7.03
CA ILE B 107 -6.99 18.39 -6.26
C ILE B 107 -5.72 17.98 -7.04
N CYS B 108 -5.76 16.82 -7.72
CA CYS B 108 -4.65 16.35 -8.57
C CYS B 108 -4.28 17.37 -9.65
N ARG B 109 -5.29 17.91 -10.30
CA ARG B 109 -5.13 18.87 -11.36
C ARG B 109 -4.44 20.13 -10.87
N LYS B 110 -4.88 20.65 -9.71
CA LYS B 110 -4.28 21.84 -9.13
C LYS B 110 -2.82 21.63 -8.73
N LEU B 111 -2.53 20.44 -8.20
CA LEU B 111 -1.17 20.10 -7.76
C LEU B 111 -0.29 19.55 -8.89
N GLY B 112 -0.86 19.35 -10.06
CA GLY B 112 -0.14 18.79 -11.19
C GLY B 112 0.46 17.39 -10.97
N ILE B 113 -0.27 16.56 -10.22
CA ILE B 113 0.14 15.16 -9.97
C ILE B 113 -0.69 14.18 -10.78
N GLY B 114 -0.27 12.91 -10.81
CA GLY B 114 -1.04 11.89 -11.50
C GLY B 114 -2.38 11.62 -10.81
N TYR B 115 -3.26 10.91 -11.51
CA TYR B 115 -4.61 10.62 -11.03
C TYR B 115 -4.69 9.28 -10.31
N HIS B 116 -3.55 8.72 -9.92
CA HIS B 116 -3.52 7.38 -9.34
C HIS B 116 -4.42 7.18 -8.12
N ILE B 117 -4.47 8.17 -7.21
CA ILE B 117 -5.25 8.01 -5.99
C ILE B 117 -6.77 7.81 -6.22
N PRO B 118 -7.47 8.73 -6.89
CA PRO B 118 -8.90 8.53 -7.16
C PRO B 118 -9.14 7.30 -8.02
N PHE B 119 -8.16 6.94 -8.85
CA PHE B 119 -8.27 5.73 -9.67
C PHE B 119 -8.28 4.54 -8.72
N ALA B 120 -7.39 4.54 -7.73
CA ALA B 120 -7.35 3.48 -6.75
C ALA B 120 -8.65 3.44 -5.94
N PHE B 121 -9.15 4.62 -5.55
CA PHE B 121 -10.33 4.73 -4.70
C PHE B 121 -11.55 4.17 -5.42
N ALA B 122 -11.57 4.35 -6.73
CA ALA B 122 -12.66 3.84 -7.55
C ALA B 122 -12.82 2.31 -7.41
N PHE B 123 -11.72 1.60 -7.15
CA PHE B 123 -11.80 0.14 -6.91
C PHE B 123 -12.63 -0.13 -5.67
N ALA B 124 -12.42 0.68 -4.63
CA ALA B 124 -13.20 0.52 -3.40
C ALA B 124 -14.68 0.80 -3.67
N ILE B 125 -14.96 1.90 -4.38
CA ILE B 125 -16.32 2.23 -4.79
C ILE B 125 -16.97 1.09 -5.58
N LEU B 126 -16.20 0.50 -6.50
CA LEU B 126 -16.73 -0.56 -7.38
C LEU B 126 -17.04 -1.84 -6.61
N ALA B 127 -16.29 -2.07 -5.54
CA ALA B 127 -16.54 -3.18 -4.64
C ALA B 127 -17.81 -2.97 -3.83
N TYR B 128 -17.95 -1.77 -3.26
CA TYR B 128 -19.20 -1.37 -2.62
C TYR B 128 -20.41 -1.55 -3.57
N LEU B 129 -20.24 -1.09 -4.80
CA LEU B 129 -21.28 -1.15 -5.81
C LEU B 129 -21.60 -2.60 -6.23
N THR B 130 -20.60 -3.46 -6.21
CA THR B 130 -20.81 -4.89 -6.43
C THR B 130 -21.82 -5.42 -5.41
N LEU B 131 -21.64 -5.04 -4.15
CA LEU B 131 -22.45 -5.57 -3.08
C LEU B 131 -23.87 -5.00 -3.02
N VAL B 132 -24.05 -3.73 -3.39
CA VAL B 132 -25.35 -3.10 -3.23
C VAL B 132 -26.09 -2.93 -4.56
N LEU B 133 -25.39 -3.10 -5.68
CA LEU B 133 -25.97 -2.80 -6.98
C LEU B 133 -25.84 -3.95 -7.99
N PHE B 134 -24.61 -4.22 -8.45
CA PHE B 134 -24.39 -5.21 -9.52
C PHE B 134 -24.89 -6.60 -9.14
N ARG B 135 -24.53 -7.06 -7.95
CA ARG B 135 -24.95 -8.37 -7.48
C ARG B 135 -26.47 -8.45 -7.27
N PRO B 136 -27.05 -7.57 -6.45
CA PRO B 136 -28.51 -7.55 -6.28
C PRO B 136 -29.27 -7.47 -7.62
N VAL B 137 -28.80 -6.66 -8.56
CA VAL B 137 -29.45 -6.60 -9.85
C VAL B 137 -29.35 -7.96 -10.56
N MET B 138 -28.15 -8.57 -10.57
CA MET B 138 -27.97 -9.84 -11.28
C MET B 138 -28.79 -10.95 -10.64
N MET B 139 -28.96 -10.85 -9.32
CA MET B 139 -29.71 -11.82 -8.57
C MET B 139 -31.21 -11.52 -8.59
N GLY B 140 -31.57 -10.31 -9.06
CA GLY B 140 -32.96 -9.91 -9.25
C GLY B 140 -33.70 -9.38 -8.05
N ALA B 141 -33.00 -8.89 -7.02
CA ALA B 141 -33.66 -8.23 -5.89
C ALA B 141 -32.71 -7.34 -5.09
N TRP B 142 -33.17 -6.14 -4.72
CA TRP B 142 -32.42 -5.27 -3.80
C TRP B 142 -32.17 -5.95 -2.47
N GLY B 143 -33.06 -6.86 -2.08
CA GLY B 143 -32.98 -7.53 -0.79
C GLY B 143 -31.74 -8.40 -0.62
N TYR B 144 -31.04 -8.69 -1.72
CA TYR B 144 -29.79 -9.43 -1.63
C TYR B 144 -28.59 -8.55 -1.22
N ALA B 145 -28.85 -7.26 -1.00
CA ALA B 145 -27.80 -6.33 -0.58
C ALA B 145 -27.65 -6.36 0.92
N PHE B 146 -26.53 -5.83 1.40
CA PHE B 146 -26.28 -5.76 2.83
C PHE B 146 -26.97 -4.55 3.47
N PRO B 147 -27.33 -4.70 4.75
CA PRO B 147 -27.98 -3.62 5.51
C PRO B 147 -26.99 -2.66 6.10
N TYR B 148 -27.42 -1.43 6.35
CA TYR B 148 -26.54 -0.41 6.91
C TYR B 148 -26.68 -0.33 8.43
N GLY B 149 -25.84 -1.12 9.09
CA GLY B 149 -25.79 -1.17 10.54
C GLY B 149 -24.48 -1.81 10.93
N ILE B 150 -23.95 -1.43 12.09
CA ILE B 150 -22.62 -1.83 12.50
C ILE B 150 -22.53 -3.33 12.74
N TRP B 151 -23.52 -3.88 13.44
CA TRP B 151 -23.57 -5.31 13.70
C TRP B 151 -24.36 -6.04 12.63
N THR B 152 -25.41 -5.43 12.10
CA THR B 152 -26.23 -6.16 11.13
C THR B 152 -25.50 -6.39 9.82
N HIS B 153 -24.54 -5.52 9.46
CA HIS B 153 -23.74 -5.79 8.25
C HIS B 153 -22.89 -7.05 8.39
N LEU B 154 -22.43 -7.32 9.61
CA LEU B 154 -21.70 -8.53 9.95
C LEU B 154 -22.60 -9.80 9.96
N ASP B 155 -23.84 -9.67 10.48
CA ASP B 155 -24.82 -10.76 10.35
C ASP B 155 -24.99 -11.11 8.90
N TRP B 156 -25.11 -10.10 8.04
CA TRP B 156 -25.29 -10.34 6.63
C TRP B 156 -24.08 -11.09 6.01
N VAL B 157 -22.88 -10.74 6.45
CA VAL B 157 -21.68 -11.41 5.95
C VAL B 157 -21.69 -12.86 6.41
N SER B 158 -22.03 -13.06 7.67
CA SER B 158 -22.11 -14.39 8.25
C SER B 158 -23.22 -15.24 7.61
N ASN B 159 -24.43 -14.70 7.52
CA ASN B 159 -25.54 -15.40 6.84
C ASN B 159 -25.28 -15.71 5.37
N THR B 160 -24.69 -14.76 4.64
CA THR B 160 -24.39 -14.91 3.22
C THR B 160 -23.30 -15.95 2.97
N GLY B 161 -22.21 -15.89 3.74
CA GLY B 161 -21.15 -16.89 3.66
C GLY B 161 -21.72 -18.28 3.91
N TYR B 162 -22.38 -18.47 5.04
CA TYR B 162 -22.87 -19.79 5.44
C TYR B 162 -23.99 -20.35 4.56
N THR B 163 -24.61 -19.51 3.74
CA THR B 163 -25.55 -20.00 2.74
C THR B 163 -24.85 -20.96 1.78
N TYR B 164 -23.53 -20.84 1.69
CA TYR B 164 -22.76 -21.69 0.77
C TYR B 164 -21.75 -22.58 1.51
N GLY B 165 -22.07 -22.95 2.74
CA GLY B 165 -21.17 -23.76 3.56
C GLY B 165 -20.05 -22.90 4.16
N ASN B 166 -18.83 -23.44 4.20
CA ASN B 166 -17.68 -22.64 4.55
C ASN B 166 -17.27 -21.82 3.32
N PHE B 167 -17.40 -20.50 3.45
CA PHE B 167 -17.15 -19.61 2.32
C PHE B 167 -15.65 -19.55 1.96
N HIS B 168 -14.80 -20.08 2.84
CA HIS B 168 -13.39 -20.29 2.50
C HIS B 168 -13.16 -20.99 1.18
N TYR B 169 -14.11 -21.83 0.77
CA TYR B 169 -13.89 -22.71 -0.39
C TYR B 169 -14.15 -22.03 -1.73
N ASN B 170 -14.63 -20.78 -1.68
CA ASN B 170 -14.76 -19.94 -2.85
C ASN B 170 -13.37 -19.61 -3.40
N PRO B 171 -13.05 -20.09 -4.60
CA PRO B 171 -11.67 -19.97 -5.11
C PRO B 171 -11.24 -18.50 -5.34
N ALA B 172 -12.18 -17.63 -5.72
CA ALA B 172 -11.83 -16.22 -5.94
C ALA B 172 -11.61 -15.51 -4.60
N HIS B 173 -12.33 -15.97 -3.59
CA HIS B 173 -12.21 -15.51 -2.21
C HIS B 173 -10.80 -15.85 -1.70
N MET B 174 -10.32 -17.06 -2.01
CA MET B 174 -8.97 -17.52 -1.64
C MET B 174 -7.90 -16.59 -2.22
N ILE B 175 -8.05 -16.22 -3.49
CA ILE B 175 -7.09 -15.36 -4.14
C ILE B 175 -7.17 -13.96 -3.50
N ALA B 176 -8.38 -13.49 -3.25
CA ALA B 176 -8.56 -12.19 -2.62
C ALA B 176 -7.82 -12.16 -1.29
N ILE B 177 -8.08 -13.17 -0.43
CA ILE B 177 -7.41 -13.27 0.87
C ILE B 177 -5.87 -13.23 0.74
N SER B 178 -5.35 -13.99 -0.22
CA SER B 178 -3.91 -14.03 -0.47
C SER B 178 -3.38 -12.63 -0.76
N PHE B 179 -4.08 -11.89 -1.60
CA PHE B 179 -3.74 -10.51 -1.87
C PHE B 179 -3.80 -9.64 -0.61
N PHE B 180 -4.86 -9.78 0.19
CA PHE B 180 -4.93 -9.02 1.43
C PHE B 180 -3.77 -9.31 2.37
N PHE B 181 -3.47 -10.58 2.57
CA PHE B 181 -2.42 -11.00 3.49
C PHE B 181 -1.05 -10.55 2.95
N THR B 182 -0.84 -10.75 1.65
CA THR B 182 0.43 -10.36 1.03
C THR B 182 0.61 -8.85 1.07
N ASN B 183 -0.50 -8.13 0.86
CA ASN B 183 -0.45 -6.69 0.98
C ASN B 183 0.03 -6.24 2.36
N ALA B 184 -0.52 -6.83 3.42
CA ALA B 184 -0.10 -6.44 4.76
C ALA B 184 1.37 -6.80 5.04
N LEU B 185 1.78 -7.97 4.54
CA LEU B 185 3.17 -8.38 4.60
C LEU B 185 4.08 -7.32 3.95
N ALA B 186 3.73 -6.91 2.73
CA ALA B 186 4.50 -5.93 1.96
C ALA B 186 4.47 -4.52 2.57
N LEU B 187 3.32 -4.13 3.13
CA LEU B 187 3.23 -2.85 3.86
C LEU B 187 4.17 -2.83 5.07
N ALA B 188 4.16 -3.91 5.86
CA ALA B 188 5.06 -4.03 6.99
C ALA B 188 6.53 -3.97 6.55
N LEU B 189 6.86 -4.74 5.51
CA LEU B 189 8.22 -4.76 5.00
C LEU B 189 8.66 -3.41 4.45
N HIS B 190 7.78 -2.75 3.67
CA HIS B 190 8.12 -1.44 3.09
C HIS B 190 8.37 -0.42 4.18
N GLY B 191 7.42 -0.25 5.10
CA GLY B 191 7.58 0.62 6.26
C GLY B 191 8.88 0.36 6.99
N ALA B 192 9.17 -0.92 7.26
CA ALA B 192 10.35 -1.28 8.03
C ALA B 192 11.65 -0.97 7.29
N LEU B 193 11.68 -1.26 5.99
CA LEU B 193 12.90 -1.09 5.21
C LEU B 193 13.32 0.38 5.17
N VAL B 194 12.39 1.23 4.76
CA VAL B 194 12.61 2.67 4.71
C VAL B 194 13.04 3.18 6.08
N LEU B 195 12.23 2.90 7.09
CA LEU B 195 12.60 3.31 8.44
C LEU B 195 13.98 2.81 8.91
N SER B 196 14.35 1.57 8.53
CA SER B 196 15.59 1.00 9.05
C SER B 196 16.82 1.69 8.41
N ALA B 197 16.60 2.30 7.25
CA ALA B 197 17.65 3.00 6.53
C ALA B 197 17.70 4.47 6.98
N ALA B 198 16.52 5.06 7.21
CA ALA B 198 16.41 6.43 7.68
C ALA B 198 16.77 6.56 9.15
N ASN B 199 16.68 5.46 9.89
CA ASN B 199 17.02 5.45 11.30
C ASN B 199 17.96 4.31 11.57
N PRO B 200 19.24 4.48 11.26
CA PRO B 200 20.21 3.39 11.38
C PRO B 200 20.62 3.14 12.83
N GLU B 201 21.56 2.21 13.06
CA GLU B 201 22.16 2.05 14.40
C GLU B 201 22.68 3.37 14.97
N LYS B 202 22.65 3.50 16.29
CA LYS B 202 22.92 4.79 16.96
C LYS B 202 24.24 5.44 16.54
N GLY B 203 24.16 6.69 16.11
CA GLY B 203 25.34 7.46 15.71
C GLY B 203 25.84 7.22 14.28
N LYS B 204 25.22 6.29 13.55
CA LYS B 204 25.60 6.04 12.16
C LYS B 204 24.91 7.01 11.23
N GLU B 205 25.45 7.13 10.02
CA GLU B 205 24.86 7.93 8.95
C GLU B 205 23.64 7.21 8.39
N MET B 206 22.66 7.97 7.90
CA MET B 206 21.52 7.42 7.19
C MET B 206 22.07 6.48 6.14
N ARG B 207 21.45 5.32 6.00
CA ARG B 207 21.72 4.42 4.89
C ARG B 207 21.06 4.97 3.63
N THR B 208 21.38 4.36 2.49
CA THR B 208 20.93 4.84 1.19
C THR B 208 19.98 3.81 0.58
N PRO B 209 19.29 4.15 -0.50
CA PRO B 209 18.51 3.14 -1.22
C PRO B 209 19.34 1.90 -1.56
N ASP B 210 20.66 2.05 -1.78
CA ASP B 210 21.54 0.93 -2.10
C ASP B 210 21.59 -0.07 -0.96
N HIS B 211 21.57 0.43 0.27
CA HIS B 211 21.54 -0.43 1.44
C HIS B 211 20.20 -1.15 1.57
N GLU B 212 19.12 -0.49 1.14
CA GLU B 212 17.79 -1.10 1.17
C GLU B 212 17.76 -2.28 0.20
N ASP B 213 18.30 -2.09 -0.99
CA ASP B 213 18.45 -3.20 -1.95
C ASP B 213 19.31 -4.32 -1.39
N THR B 214 20.40 -3.96 -0.72
CA THR B 214 21.36 -4.94 -0.22
C THR B 214 20.74 -5.76 0.89
N PHE B 215 20.05 -5.09 1.81
CA PHE B 215 19.43 -5.80 2.93
C PHE B 215 18.51 -6.89 2.40
N PHE B 216 17.65 -6.50 1.47
CA PHE B 216 16.65 -7.41 0.96
C PHE B 216 17.21 -8.50 0.07
N ARG B 217 18.23 -8.18 -0.72
CA ARG B 217 18.94 -9.19 -1.50
C ARG B 217 19.66 -10.14 -0.55
N ASP B 218 20.30 -9.60 0.47
CA ASP B 218 20.93 -10.46 1.47
C ASP B 218 19.89 -11.42 2.08
N LEU B 219 18.71 -10.88 2.41
CA LEU B 219 17.68 -11.64 3.11
C LEU B 219 17.00 -12.70 2.23
N VAL B 220 16.52 -12.30 1.05
CA VAL B 220 15.71 -13.21 0.22
C VAL B 220 16.22 -13.42 -1.19
N GLY B 221 17.28 -12.70 -1.58
CA GLY B 221 17.84 -12.87 -2.91
C GLY B 221 17.24 -11.99 -3.98
N TYR B 222 16.42 -11.02 -3.59
CA TYR B 222 15.79 -10.14 -4.55
C TYR B 222 15.42 -8.82 -3.89
N SER B 223 15.42 -7.76 -4.68
CA SER B 223 14.85 -6.48 -4.27
C SER B 223 14.02 -5.94 -5.42
N ILE B 224 12.74 -5.67 -5.16
CA ILE B 224 11.89 -5.12 -6.21
C ILE B 224 12.23 -3.67 -6.60
N GLY B 225 12.93 -2.94 -5.73
CA GLY B 225 13.30 -1.55 -5.98
C GLY B 225 12.28 -0.54 -5.44
N THR B 226 12.69 0.72 -5.35
CA THR B 226 11.81 1.75 -4.77
C THR B 226 10.59 2.07 -5.64
N LEU B 227 10.75 2.12 -6.95
CA LEU B 227 9.57 2.29 -7.77
C LEU B 227 8.67 1.05 -7.65
N GLY B 228 9.28 -0.13 -7.82
CA GLY B 228 8.61 -1.41 -7.76
C GLY B 228 7.75 -1.67 -6.54
N ILE B 229 8.23 -1.27 -5.35
CA ILE B 229 7.51 -1.55 -4.12
C ILE B 229 6.20 -0.77 -4.03
N HIS B 230 6.17 0.44 -4.59
CA HIS B 230 5.01 1.30 -4.53
C HIS B 230 4.00 0.81 -5.63
N ARG B 231 4.53 0.35 -6.75
CA ARG B 231 3.67 -0.30 -7.74
C ARG B 231 3.03 -1.58 -7.16
N LEU B 232 3.83 -2.32 -6.39
CA LEU B 232 3.42 -3.59 -5.84
C LEU B 232 2.32 -3.38 -4.79
N GLY B 233 2.57 -2.47 -3.84
CA GLY B 233 1.59 -2.13 -2.83
C GLY B 233 0.25 -1.81 -3.47
N LEU B 234 0.29 -1.01 -4.52
CA LEU B 234 -0.90 -0.61 -5.23
C LEU B 234 -1.55 -1.82 -5.92
N LEU B 235 -0.74 -2.63 -6.59
CA LEU B 235 -1.24 -3.82 -7.25
C LEU B 235 -1.89 -4.82 -6.28
N LEU B 236 -1.21 -5.07 -5.16
CA LEU B 236 -1.70 -6.02 -4.18
C LEU B 236 -3.06 -5.59 -3.61
N SER B 237 -3.15 -4.33 -3.18
CA SER B 237 -4.36 -3.84 -2.56
C SER B 237 -5.54 -3.74 -3.54
N LEU B 238 -5.28 -3.32 -4.79
CA LEU B 238 -6.31 -3.28 -5.82
C LEU B 238 -6.73 -4.69 -6.28
N SER B 239 -5.76 -5.59 -6.46
CA SER B 239 -6.10 -7.00 -6.77
C SER B 239 -6.94 -7.64 -5.68
N ALA B 240 -6.60 -7.37 -4.42
CA ALA B 240 -7.36 -7.92 -3.29
C ALA B 240 -8.84 -7.54 -3.40
N VAL B 241 -9.09 -6.28 -3.73
CA VAL B 241 -10.42 -5.75 -3.87
C VAL B 241 -11.07 -6.22 -5.17
N PHE B 242 -10.31 -6.25 -6.26
CA PHE B 242 -10.85 -6.77 -7.50
C PHE B 242 -11.40 -8.20 -7.29
N PHE B 243 -10.57 -9.06 -6.70
CA PHE B 243 -10.95 -10.44 -6.50
C PHE B 243 -12.02 -10.59 -5.44
N SER B 244 -12.09 -9.63 -4.49
CA SER B 244 -13.21 -9.58 -3.55
C SER B 244 -14.53 -9.42 -4.30
N ALA B 245 -14.60 -8.36 -5.10
CA ALA B 245 -15.73 -8.12 -6.00
C ALA B 245 -16.09 -9.37 -6.84
N LEU B 246 -15.08 -9.94 -7.49
CA LEU B 246 -15.28 -11.11 -8.34
C LEU B 246 -15.92 -12.26 -7.53
N CYS B 247 -15.38 -12.50 -6.33
CA CYS B 247 -15.81 -13.62 -5.53
C CYS B 247 -17.27 -13.51 -5.12
N MET B 248 -17.74 -12.27 -4.97
CA MET B 248 -19.15 -12.05 -4.62
C MET B 248 -20.07 -12.04 -5.84
N ILE B 249 -19.62 -11.44 -6.95
CA ILE B 249 -20.43 -11.34 -8.16
C ILE B 249 -20.79 -12.72 -8.76
N ILE B 250 -19.93 -13.72 -8.58
CA ILE B 250 -20.19 -15.08 -9.05
C ILE B 250 -21.08 -15.91 -8.08
N THR B 251 -21.24 -15.40 -6.87
CA THR B 251 -21.95 -16.12 -5.84
C THR B 251 -23.43 -15.77 -5.87
N GLY B 252 -24.23 -16.78 -6.21
CA GLY B 252 -25.67 -16.63 -6.32
C GLY B 252 -26.09 -16.22 -7.70
N THR B 253 -25.15 -16.16 -8.65
CA THR B 253 -25.46 -15.82 -10.05
C THR B 253 -25.05 -16.94 -11.02
N ILE B 254 -23.86 -17.50 -10.82
CA ILE B 254 -23.40 -18.64 -11.61
C ILE B 254 -22.98 -19.82 -10.74
N TRP B 255 -22.88 -19.60 -9.43
CA TRP B 255 -22.60 -20.68 -8.47
C TRP B 255 -23.63 -20.64 -7.33
N PHE B 256 -24.22 -21.78 -7.01
CA PHE B 256 -25.40 -21.78 -6.14
C PHE B 256 -25.27 -22.67 -4.92
N ASP B 257 -24.33 -23.61 -4.96
CA ASP B 257 -24.28 -24.65 -3.93
C ASP B 257 -23.19 -24.37 -2.89
N GLN B 258 -22.86 -25.39 -2.09
CA GLN B 258 -21.76 -25.29 -1.14
C GLN B 258 -20.47 -25.19 -1.93
N TRP B 259 -19.67 -24.18 -1.61
CA TRP B 259 -18.49 -23.88 -2.41
C TRP B 259 -17.49 -25.05 -2.37
N VAL B 260 -17.43 -25.74 -1.24
CA VAL B 260 -16.65 -26.97 -1.12
C VAL B 260 -16.85 -27.93 -2.33
N ASP B 261 -18.07 -28.05 -2.84
CA ASP B 261 -18.36 -28.97 -3.96
C ASP B 261 -17.72 -28.59 -5.27
N TRP B 262 -17.40 -27.31 -5.45
CA TRP B 262 -16.76 -26.85 -6.68
C TRP B 262 -15.46 -27.58 -6.97
N TRP B 263 -14.70 -27.85 -5.89
CA TRP B 263 -13.37 -28.46 -6.03
C TRP B 263 -13.40 -29.89 -6.60
N GLN B 264 -14.56 -30.56 -6.48
CA GLN B 264 -14.80 -31.88 -7.05
C GLN B 264 -14.50 -31.99 -8.55
N TRP B 265 -14.52 -30.87 -9.28
CA TRP B 265 -14.21 -30.94 -10.71
C TRP B 265 -12.80 -31.48 -10.94
N TRP B 266 -11.88 -31.10 -10.05
CA TRP B 266 -10.49 -31.53 -10.10
C TRP B 266 -10.37 -33.02 -9.72
N VAL B 267 -11.04 -33.38 -8.63
CA VAL B 267 -11.03 -34.74 -8.11
C VAL B 267 -11.59 -35.77 -9.11
N LYS B 268 -12.60 -35.34 -9.88
CA LYS B 268 -13.37 -36.23 -10.72
C LYS B 268 -12.87 -36.24 -12.14
N LEU B 269 -11.73 -35.60 -12.36
CA LEU B 269 -11.06 -35.72 -13.64
C LEU B 269 -10.86 -37.22 -13.93
N PRO B 270 -11.27 -37.66 -15.12
CA PRO B 270 -11.46 -39.10 -15.40
C PRO B 270 -10.22 -39.98 -15.23
N TRP B 271 -9.04 -39.41 -15.52
CA TRP B 271 -7.80 -40.17 -15.36
C TRP B 271 -7.44 -40.57 -13.93
N TRP B 272 -8.03 -39.90 -12.93
CA TRP B 272 -7.74 -40.31 -11.54
C TRP B 272 -8.96 -40.46 -10.64
N ALA B 273 -10.12 -40.07 -11.17
CA ALA B 273 -11.37 -40.07 -10.40
C ALA B 273 -11.62 -41.37 -9.65
N ASN B 274 -11.28 -42.50 -10.27
CA ASN B 274 -11.68 -43.81 -9.75
C ASN B 274 -10.58 -44.66 -9.13
N ILE B 275 -9.38 -44.11 -9.03
CA ILE B 275 -8.29 -44.78 -8.33
C ILE B 275 -8.61 -44.88 -6.83
N PRO B 276 -8.51 -46.09 -6.26
CA PRO B 276 -8.71 -46.28 -4.82
C PRO B 276 -7.59 -45.62 -4.00
N GLY B 277 -7.88 -45.28 -2.75
CA GLY B 277 -6.88 -44.66 -1.90
C GLY B 277 -7.01 -43.16 -1.71
N GLY B 278 -6.11 -42.60 -0.90
CA GLY B 278 -6.14 -41.18 -0.61
C GLY B 278 -7.35 -40.77 0.22
N ILE B 279 -7.75 -39.51 0.08
CA ILE B 279 -8.89 -38.98 0.82
C ILE B 279 -10.20 -39.20 0.06
N ASN B 280 -10.14 -39.13 -1.27
CA ASN B 280 -11.34 -39.17 -2.11
C ASN B 280 -11.57 -40.52 -2.83
N GLY B 281 -11.01 -41.59 -2.29
CA GLY B 281 -11.16 -42.91 -2.89
C GLY B 281 -11.00 -44.01 -1.85
N ALA C 1 -2.11 9.31 -25.19
CA ALA C 1 -2.46 9.42 -23.73
C ALA C 1 -1.21 9.61 -22.85
N GLU C 2 -1.44 10.00 -21.59
CA GLU C 2 -0.36 10.18 -20.61
C GLU C 2 0.18 8.80 -20.15
N TYR C 3 1.47 8.76 -19.82
CA TYR C 3 2.11 7.57 -19.26
C TYR C 3 1.76 7.45 -17.77
N GLN C 4 1.51 6.22 -17.29
CA GLN C 4 1.03 6.04 -15.92
C GLN C 4 2.05 5.49 -14.93
N ASN C 5 3.21 5.07 -15.43
CA ASN C 5 4.27 4.55 -14.56
C ASN C 5 3.93 3.27 -13.77
N ILE C 6 2.99 2.47 -14.28
CA ILE C 6 2.73 1.14 -13.72
C ILE C 6 3.77 0.17 -14.25
N PHE C 7 4.02 0.26 -15.56
CA PHE C 7 5.05 -0.51 -16.24
C PHE C 7 6.07 0.46 -16.86
N SER C 8 7.34 0.08 -16.84
CA SER C 8 8.35 0.89 -17.49
C SER C 8 8.22 0.81 -19.02
N GLN C 9 8.58 1.90 -19.70
CA GLN C 9 8.56 1.95 -21.16
C GLN C 9 9.85 1.42 -21.76
N VAL C 10 10.95 1.70 -21.06
CA VAL C 10 12.30 1.38 -21.51
C VAL C 10 13.07 0.82 -20.35
N GLN C 11 13.64 -0.37 -20.53
CA GLN C 11 14.51 -0.96 -19.53
C GLN C 11 15.94 -0.60 -19.86
N VAL C 12 16.73 -0.34 -18.83
CA VAL C 12 18.17 -0.23 -18.98
C VAL C 12 18.82 -1.17 -18.01
N ARG C 13 20.01 -1.63 -18.38
CA ARG C 13 20.78 -2.55 -17.57
C ARG C 13 22.25 -2.17 -17.60
N GLY C 14 22.92 -2.37 -16.46
CA GLY C 14 24.34 -2.18 -16.34
C GLY C 14 24.99 -3.37 -15.66
N PRO C 15 26.24 -3.20 -15.21
CA PRO C 15 26.93 -4.28 -14.47
C PRO C 15 26.06 -4.75 -13.30
N ALA C 16 26.11 -6.03 -12.98
CA ALA C 16 25.37 -6.55 -11.83
C ALA C 16 25.73 -5.78 -10.57
N ASP C 17 24.71 -5.43 -9.80
CA ASP C 17 24.92 -4.73 -8.55
C ASP C 17 25.18 -5.71 -7.41
N LEU C 18 26.40 -5.69 -6.88
CA LEU C 18 26.79 -6.64 -5.86
C LEU C 18 26.53 -6.11 -4.46
N GLY C 19 26.12 -4.85 -4.37
CA GLY C 19 25.57 -4.30 -3.15
C GLY C 19 26.58 -3.74 -2.16
N MET C 20 26.06 -3.13 -1.09
CA MET C 20 26.89 -2.51 -0.07
C MET C 20 27.62 -3.57 0.73
N THR C 21 28.77 -3.17 1.29
CA THR C 21 29.64 -4.10 2.02
C THR C 21 29.48 -3.96 3.54
N GLU C 22 29.71 -2.77 4.06
CA GLU C 22 29.70 -2.53 5.50
C GLU C 22 30.37 -3.67 6.28
N ASP C 23 29.71 -4.16 7.33
CA ASP C 23 30.23 -5.26 8.12
C ASP C 23 29.79 -6.65 7.65
N VAL C 24 29.30 -6.74 6.41
CA VAL C 24 28.86 -8.02 5.86
C VAL C 24 30.06 -8.89 5.53
N ASN C 25 29.98 -10.16 5.93
CA ASN C 25 30.96 -11.16 5.52
C ASN C 25 30.72 -11.54 4.06
N LEU C 26 31.50 -10.93 3.17
CA LEU C 26 31.36 -11.09 1.73
C LEU C 26 31.51 -12.52 1.23
N ALA C 27 32.20 -13.35 2.01
CA ALA C 27 32.41 -14.76 1.66
C ALA C 27 31.12 -15.59 1.72
N ASN C 28 30.17 -15.13 2.56
CA ASN C 28 28.89 -15.80 2.71
C ASN C 28 27.82 -15.37 1.69
N ARG C 29 28.19 -14.40 0.84
CA ARG C 29 27.31 -13.92 -0.22
C ARG C 29 27.53 -14.70 -1.51
N SER C 30 26.44 -15.00 -2.23
CA SER C 30 26.52 -15.75 -3.48
C SER C 30 26.93 -14.82 -4.61
N GLY C 31 26.99 -15.38 -5.83
CA GLY C 31 27.16 -14.57 -7.02
C GLY C 31 25.80 -14.10 -7.45
N VAL C 32 25.73 -13.24 -8.46
CA VAL C 32 24.45 -12.78 -8.95
C VAL C 32 23.73 -13.89 -9.69
N GLY C 33 22.40 -13.90 -9.55
CA GLY C 33 21.53 -14.75 -10.33
C GLY C 33 21.34 -14.15 -11.71
N PRO C 34 20.41 -14.71 -12.49
CA PRO C 34 20.12 -14.18 -13.82
C PRO C 34 19.34 -12.86 -13.75
N PHE C 35 19.19 -12.22 -14.91
CA PHE C 35 18.43 -11.00 -15.04
C PHE C 35 17.13 -11.36 -15.72
N SER C 36 16.02 -10.90 -15.15
CA SER C 36 14.72 -11.13 -15.75
C SER C 36 14.17 -9.87 -16.37
N THR C 37 14.21 -9.83 -17.69
CA THR C 37 13.57 -8.78 -18.47
C THR C 37 12.07 -8.67 -18.15
N LEU C 38 11.43 -9.82 -17.93
CA LEU C 38 9.99 -9.85 -17.58
C LEU C 38 9.70 -9.11 -16.28
N LEU C 39 10.44 -9.43 -15.22
CA LEU C 39 10.36 -8.70 -13.95
C LEU C 39 10.68 -7.24 -14.13
N GLY C 40 11.59 -6.95 -15.07
CA GLY C 40 12.10 -5.61 -15.29
C GLY C 40 11.06 -4.62 -15.80
N TRP C 41 9.93 -5.12 -16.30
CA TRP C 41 8.87 -4.22 -16.73
C TRP C 41 8.19 -3.53 -15.55
N PHE C 42 8.29 -4.17 -14.38
CA PHE C 42 7.51 -3.83 -13.20
C PHE C 42 8.41 -3.42 -12.03
N GLY C 43 9.46 -4.20 -11.77
CA GLY C 43 10.44 -3.88 -10.75
C GLY C 43 11.85 -4.14 -11.23
N ASN C 44 12.79 -4.34 -10.31
CA ASN C 44 14.17 -4.68 -10.71
C ASN C 44 14.30 -6.00 -11.46
N ALA C 45 15.14 -5.99 -12.50
CA ALA C 45 15.44 -7.18 -13.30
C ALA C 45 16.44 -8.13 -12.63
N GLN C 46 17.31 -7.61 -11.77
CA GLN C 46 18.37 -8.44 -11.18
C GLN C 46 17.91 -9.40 -10.09
N LEU C 47 18.37 -10.64 -10.17
CA LEU C 47 18.15 -11.66 -9.14
C LEU C 47 19.45 -11.88 -8.41
N GLY C 48 19.36 -12.04 -7.10
CA GLY C 48 20.54 -12.15 -6.29
C GLY C 48 21.42 -10.91 -6.28
N PRO C 49 22.55 -10.98 -5.58
CA PRO C 49 22.95 -12.18 -4.85
C PRO C 49 22.18 -12.34 -3.53
N ILE C 50 22.37 -13.49 -2.86
CA ILE C 50 21.76 -13.76 -1.57
C ILE C 50 22.86 -14.06 -0.55
N TYR C 51 22.59 -13.75 0.71
CA TYR C 51 23.49 -14.10 1.80
C TYR C 51 23.16 -15.50 2.35
N LEU C 52 24.18 -16.34 2.47
CA LEU C 52 24.00 -17.68 3.02
C LEU C 52 24.33 -17.69 4.51
N GLY C 53 25.53 -18.11 4.88
CA GLY C 53 25.91 -18.10 6.30
C GLY C 53 25.33 -19.29 7.06
N SER C 54 25.75 -19.44 8.31
CA SER C 54 25.35 -20.59 9.14
C SER C 54 23.88 -20.59 9.56
N LEU C 55 23.39 -19.44 10.03
CA LEU C 55 21.99 -19.32 10.46
C LEU C 55 21.04 -19.64 9.30
N GLY C 56 21.35 -19.10 8.13
CA GLY C 56 20.55 -19.30 6.93
C GLY C 56 20.51 -20.75 6.50
N VAL C 57 21.66 -21.43 6.56
CA VAL C 57 21.72 -22.85 6.24
C VAL C 57 20.77 -23.59 7.19
N LEU C 58 20.88 -23.28 8.48
CA LEU C 58 20.05 -23.90 9.51
C LEU C 58 18.56 -23.67 9.22
N SER C 59 18.23 -22.43 8.91
CA SER C 59 16.87 -22.02 8.59
C SER C 59 16.33 -22.76 7.37
N LEU C 60 17.10 -22.78 6.31
CA LEU C 60 16.71 -23.45 5.07
C LEU C 60 16.57 -24.97 5.26
N PHE C 61 17.55 -25.59 5.91
CA PHE C 61 17.50 -27.02 6.20
C PHE C 61 16.23 -27.36 7.02
N SER C 62 16.05 -26.60 8.10
CA SER C 62 14.89 -26.73 8.97
C SER C 62 13.55 -26.59 8.23
N GLY C 63 13.42 -25.51 7.46
CA GLY C 63 12.24 -25.27 6.64
C GLY C 63 11.94 -26.40 5.68
N LEU C 64 12.97 -26.87 4.98
CA LEU C 64 12.82 -27.98 4.03
C LEU C 64 12.39 -29.25 4.76
N MET C 65 12.97 -29.46 5.94
CA MET C 65 12.60 -30.61 6.75
C MET C 65 11.14 -30.59 7.17
N TRP C 66 10.64 -29.41 7.53
CA TRP C 66 9.22 -29.18 7.87
C TRP C 66 8.35 -29.54 6.67
N PHE C 67 8.69 -28.96 5.53
CA PHE C 67 8.00 -29.15 4.27
C PHE C 67 7.99 -30.62 3.84
N PHE C 68 9.14 -31.29 3.92
CA PHE C 68 9.25 -32.70 3.52
C PHE C 68 8.58 -33.65 4.51
N THR C 69 8.56 -33.29 5.79
CA THR C 69 7.86 -34.08 6.79
C THR C 69 6.38 -34.13 6.45
N ILE C 70 5.81 -32.97 6.13
CA ILE C 70 4.42 -32.89 5.68
C ILE C 70 4.23 -33.68 4.40
N GLY C 71 5.08 -33.42 3.40
CA GLY C 71 4.99 -34.06 2.11
C GLY C 71 5.04 -35.58 2.14
N ILE C 72 5.96 -36.12 2.94
CA ILE C 72 6.09 -37.58 3.12
C ILE C 72 4.81 -38.14 3.74
N TRP C 73 4.20 -37.40 4.68
CA TRP C 73 2.93 -37.83 5.26
C TRP C 73 1.83 -37.83 4.21
N PHE C 74 1.84 -36.83 3.33
CA PHE C 74 0.89 -36.75 2.22
C PHE C 74 1.07 -37.94 1.30
N TRP C 75 2.33 -38.27 0.98
CA TRP C 75 2.61 -39.42 0.11
C TRP C 75 2.08 -40.69 0.76
N TYR C 76 2.34 -40.85 2.05
CA TYR C 76 1.76 -41.95 2.81
C TYR C 76 0.23 -41.99 2.67
N GLN C 77 -0.42 -40.84 2.90
CA GLN C 77 -1.88 -40.74 2.82
C GLN C 77 -2.41 -41.07 1.42
N ALA C 78 -1.57 -40.80 0.42
CA ALA C 78 -1.89 -41.08 -0.97
C ALA C 78 -1.62 -42.54 -1.35
N GLY C 79 -1.15 -43.35 -0.39
CA GLY C 79 -0.73 -44.71 -0.66
C GLY C 79 0.37 -44.78 -1.71
N TRP C 80 1.24 -43.76 -1.73
CA TRP C 80 2.40 -43.70 -2.64
C TRP C 80 2.02 -43.70 -4.11
N ASN C 81 0.75 -43.47 -4.40
CA ASN C 81 0.28 -43.30 -5.77
C ASN C 81 0.37 -41.85 -6.21
N PRO C 82 1.19 -41.56 -7.22
CA PRO C 82 1.38 -40.17 -7.67
C PRO C 82 0.12 -39.50 -8.24
N ALA C 83 -0.74 -40.27 -8.92
CA ALA C 83 -2.00 -39.72 -9.41
C ALA C 83 -2.91 -39.31 -8.25
N VAL C 84 -2.95 -40.14 -7.20
CA VAL C 84 -3.74 -39.88 -6.01
C VAL C 84 -3.15 -38.70 -5.24
N PHE C 85 -1.82 -38.58 -5.30
CA PHE C 85 -1.10 -37.48 -4.67
C PHE C 85 -1.56 -36.14 -5.25
N LEU C 86 -1.62 -36.06 -6.59
CA LEU C 86 -2.04 -34.85 -7.27
C LEU C 86 -3.54 -34.59 -7.11
N ARG C 87 -4.34 -35.65 -7.19
CA ARG C 87 -5.78 -35.52 -7.07
C ARG C 87 -6.20 -34.94 -5.71
N ASP C 88 -5.64 -35.49 -4.64
CA ASP C 88 -6.07 -35.21 -3.28
C ASP C 88 -5.13 -34.27 -2.52
N LEU C 89 -4.23 -33.62 -3.25
CA LEU C 89 -3.22 -32.75 -2.66
C LEU C 89 -3.75 -31.79 -1.58
N PHE C 90 -4.81 -31.03 -1.90
CA PHE C 90 -5.36 -30.05 -0.96
C PHE C 90 -6.20 -30.67 0.16
N PHE C 91 -6.51 -31.97 0.04
CA PHE C 91 -7.28 -32.71 1.03
C PHE C 91 -6.43 -33.43 2.10
N PHE C 92 -5.14 -33.64 1.81
CA PHE C 92 -4.24 -34.27 2.79
C PHE C 92 -4.02 -33.33 3.97
N SER C 93 -3.72 -33.92 5.11
CA SER C 93 -3.51 -33.13 6.30
C SER C 93 -2.67 -33.88 7.32
N LEU C 94 -1.60 -33.23 7.79
CA LEU C 94 -0.86 -33.72 8.96
C LEU C 94 -1.44 -33.08 10.22
N GLU C 95 -2.12 -33.89 11.03
CA GLU C 95 -2.94 -33.43 12.15
C GLU C 95 -2.21 -33.57 13.47
N PRO C 96 -2.44 -32.65 14.41
CA PRO C 96 -1.89 -32.74 15.76
C PRO C 96 -2.40 -33.95 16.56
N PRO C 97 -1.76 -34.26 17.68
CA PRO C 97 -2.22 -35.35 18.55
C PRO C 97 -3.66 -35.12 18.98
N ALA C 98 -4.38 -36.22 19.21
CA ALA C 98 -5.72 -36.20 19.79
C ALA C 98 -5.62 -35.63 21.21
N PRO C 99 -6.72 -35.07 21.73
CA PRO C 99 -6.73 -34.43 23.05
C PRO C 99 -6.32 -35.32 24.22
N GLU C 100 -6.50 -36.63 24.11
CA GLU C 100 -6.18 -37.55 25.22
C GLU C 100 -4.68 -37.62 25.48
N TYR C 101 -3.89 -37.34 24.45
CA TYR C 101 -2.44 -37.28 24.60
C TYR C 101 -1.92 -35.99 25.26
N GLY C 102 -2.82 -35.03 25.47
CA GLY C 102 -2.46 -33.78 26.12
C GLY C 102 -1.30 -33.08 25.43
N LEU C 103 -0.33 -32.66 26.23
CA LEU C 103 0.89 -32.02 25.75
C LEU C 103 2.08 -32.99 25.59
N SER C 104 1.83 -34.29 25.79
CA SER C 104 2.86 -35.33 25.85
C SER C 104 3.55 -35.53 24.50
N PHE C 105 4.86 -35.76 24.54
CA PHE C 105 5.63 -36.04 23.32
C PHE C 105 5.61 -37.54 22.99
N ALA C 106 4.80 -38.31 23.71
CA ALA C 106 4.70 -39.75 23.49
C ALA C 106 3.52 -40.12 22.60
N ALA C 107 2.89 -39.11 22.01
CA ALA C 107 1.88 -39.34 21.00
C ALA C 107 2.52 -40.19 19.89
N PRO C 108 1.84 -41.24 19.44
CA PRO C 108 2.39 -42.10 18.38
C PRO C 108 2.67 -41.32 17.11
N LEU C 109 3.68 -41.77 16.38
CA LEU C 109 4.12 -41.16 15.15
C LEU C 109 2.99 -40.79 14.19
N LYS C 110 2.06 -41.71 13.96
CA LYS C 110 1.01 -41.52 12.98
C LYS C 110 -0.22 -40.85 13.58
N GLU C 111 -0.17 -40.55 14.87
CA GLU C 111 -1.26 -39.84 15.55
C GLU C 111 -0.72 -38.64 16.35
N GLY C 112 -0.02 -37.74 15.66
CA GLY C 112 0.47 -36.55 16.33
C GLY C 112 1.97 -36.40 16.46
N GLY C 113 2.69 -37.53 16.57
CA GLY C 113 4.13 -37.52 16.73
C GLY C 113 4.84 -36.87 15.56
N LEU C 114 4.42 -37.22 14.35
CA LEU C 114 4.96 -36.59 13.17
C LEU C 114 4.62 -35.09 13.08
N TRP C 115 3.43 -34.73 13.55
CA TRP C 115 3.00 -33.34 13.63
C TRP C 115 3.94 -32.55 14.55
N LEU C 116 4.25 -33.12 15.72
CA LEU C 116 5.22 -32.52 16.64
C LEU C 116 6.61 -32.32 16.00
N ILE C 117 7.07 -33.32 15.25
CA ILE C 117 8.35 -33.27 14.58
C ILE C 117 8.34 -32.17 13.51
N ALA C 118 7.32 -32.18 12.65
CA ALA C 118 7.15 -31.10 11.68
C ALA C 118 7.15 -29.75 12.40
N SER C 119 6.40 -29.62 13.49
CA SER C 119 6.29 -28.37 14.23
C SER C 119 7.63 -27.88 14.84
N PHE C 120 8.43 -28.82 15.36
CA PHE C 120 9.77 -28.51 15.85
C PHE C 120 10.63 -27.92 14.73
N PHE C 121 10.58 -28.54 13.55
CA PHE C 121 11.34 -28.02 12.40
C PHE C 121 10.88 -26.63 11.98
N MET C 122 9.57 -26.40 12.01
CA MET C 122 9.03 -25.09 11.64
C MET C 122 9.44 -24.05 12.69
N PHE C 123 9.42 -24.45 13.95
CA PHE C 123 9.82 -23.59 15.04
C PHE C 123 11.24 -23.07 14.82
N VAL C 124 12.18 -23.98 14.52
CA VAL C 124 13.56 -23.53 14.37
C VAL C 124 13.74 -22.77 13.07
N ALA C 125 13.08 -23.22 12.01
CA ALA C 125 13.09 -22.51 10.73
C ALA C 125 12.72 -21.03 10.88
N VAL C 126 11.61 -20.78 11.57
CA VAL C 126 11.09 -19.42 11.69
C VAL C 126 11.92 -18.55 12.61
N TRP C 127 12.35 -19.11 13.74
CA TRP C 127 13.10 -18.34 14.71
C TRP C 127 14.52 -18.08 14.23
N SER C 128 15.12 -19.01 13.50
CA SER C 128 16.40 -18.74 12.88
C SER C 128 16.22 -17.73 11.75
N TRP C 129 15.10 -17.80 11.03
CA TRP C 129 14.84 -16.76 10.03
C TRP C 129 14.69 -15.37 10.65
N TRP C 130 14.11 -15.30 11.85
CA TRP C 130 13.99 -14.04 12.53
C TRP C 130 15.36 -13.47 12.92
N GLY C 131 16.21 -14.32 13.50
CA GLY C 131 17.59 -13.94 13.81
C GLY C 131 18.26 -13.37 12.57
N ARG C 132 18.04 -14.01 11.42
CA ARG C 132 18.59 -13.54 10.15
C ARG C 132 18.09 -12.14 9.72
N THR C 133 16.81 -11.83 9.93
CA THR C 133 16.33 -10.47 9.63
C THR C 133 17.02 -9.46 10.53
N TYR C 134 17.36 -9.89 11.75
CA TYR C 134 18.05 -9.01 12.68
C TYR C 134 19.51 -8.81 12.24
N LEU C 135 20.21 -9.93 12.04
CA LEU C 135 21.62 -9.92 11.68
C LEU C 135 21.94 -9.27 10.33
N ARG C 136 21.06 -9.44 9.34
CA ARG C 136 21.31 -8.85 8.03
C ARG C 136 21.29 -7.34 8.12
N ALA C 137 20.41 -6.81 8.97
CA ALA C 137 20.31 -5.38 9.22
C ALA C 137 21.52 -4.89 10.00
N GLN C 138 21.90 -5.66 11.02
CA GLN C 138 23.04 -5.36 11.87
C GLN C 138 24.35 -5.27 11.06
N ALA C 139 24.57 -6.23 10.17
CA ALA C 139 25.79 -6.23 9.35
C ALA C 139 25.81 -5.03 8.41
N LEU C 140 24.65 -4.40 8.20
CA LEU C 140 24.58 -3.24 7.31
C LEU C 140 24.46 -1.93 8.09
N GLY C 141 24.50 -2.01 9.41
CA GLY C 141 24.38 -0.83 10.25
C GLY C 141 22.97 -0.23 10.30
N MET C 142 21.99 -1.01 9.87
CA MET C 142 20.62 -0.52 9.79
C MET C 142 19.82 -0.74 11.07
N GLY C 143 18.76 0.03 11.23
CA GLY C 143 17.78 -0.21 12.28
C GLY C 143 17.19 -1.62 12.21
N LYS C 144 16.52 -2.01 13.27
CA LYS C 144 15.99 -3.36 13.39
C LYS C 144 14.47 -3.44 13.13
N HIS C 145 13.94 -2.52 12.33
CA HIS C 145 12.50 -2.41 12.12
C HIS C 145 11.89 -3.66 11.47
N THR C 146 12.65 -4.29 10.58
CA THR C 146 12.22 -5.51 9.94
C THR C 146 12.04 -6.64 10.98
N ALA C 147 13.06 -6.88 11.80
CA ALA C 147 12.98 -7.87 12.85
C ALA C 147 11.84 -7.57 13.83
N TRP C 148 11.62 -6.29 14.15
CA TRP C 148 10.53 -5.94 15.06
C TRP C 148 9.14 -6.18 14.43
N ALA C 149 8.96 -5.76 13.18
CA ALA C 149 7.72 -6.01 12.48
C ALA C 149 7.46 -7.51 12.30
N PHE C 150 8.51 -8.27 11.98
CA PHE C 150 8.40 -9.72 11.80
C PHE C 150 7.91 -10.42 13.07
N LEU C 151 8.32 -9.87 14.21
CA LEU C 151 7.89 -10.37 15.52
C LEU C 151 6.37 -10.34 15.72
N SER C 152 5.70 -9.32 15.18
CA SER C 152 4.25 -9.26 15.21
C SER C 152 3.59 -10.46 14.48
N ALA C 153 4.09 -10.80 13.30
CA ALA C 153 3.58 -11.98 12.58
C ALA C 153 3.88 -13.26 13.35
N ILE C 154 5.09 -13.34 13.91
CA ILE C 154 5.50 -14.48 14.67
C ILE C 154 4.62 -14.66 15.89
N TRP C 155 4.23 -13.55 16.52
CA TRP C 155 3.30 -13.56 17.64
C TRP C 155 2.01 -14.37 17.35
N LEU C 156 1.31 -14.06 16.27
CA LEU C 156 0.10 -14.79 15.89
C LEU C 156 0.39 -16.27 15.62
N TRP C 157 1.42 -16.52 14.81
CA TRP C 157 1.89 -17.87 14.55
C TRP C 157 2.19 -18.66 15.85
N MET C 158 2.97 -18.08 16.76
CA MET C 158 3.24 -18.67 18.08
C MET C 158 1.97 -18.94 18.90
N VAL C 159 1.06 -17.99 18.93
CA VAL C 159 -0.20 -18.15 19.65
C VAL C 159 -0.98 -19.35 19.09
N LEU C 160 -1.15 -19.39 17.77
CA LEU C 160 -1.88 -20.45 17.08
C LEU C 160 -1.31 -21.84 17.34
N GLY C 161 0.01 -21.99 17.19
CA GLY C 161 0.62 -23.30 17.21
C GLY C 161 1.28 -23.73 18.51
N PHE C 162 1.53 -22.77 19.40
CA PHE C 162 2.40 -23.03 20.55
C PHE C 162 1.84 -22.52 21.86
N ILE C 163 1.59 -21.22 21.97
CA ILE C 163 1.20 -20.65 23.26
C ILE C 163 -0.21 -21.03 23.69
N ARG C 164 -1.16 -20.95 22.77
CA ARG C 164 -2.53 -21.26 23.09
C ARG C 164 -2.70 -22.76 23.41
N PRO C 165 -2.19 -23.67 22.55
CA PRO C 165 -2.26 -25.10 22.87
C PRO C 165 -1.65 -25.43 24.25
N ILE C 166 -0.54 -24.81 24.61
CA ILE C 166 0.05 -25.05 25.92
C ILE C 166 -0.87 -24.58 27.06
N LEU C 167 -1.45 -23.39 26.93
CA LEU C 167 -2.35 -22.88 27.96
C LEU C 167 -3.67 -23.67 28.03
N MET C 168 -4.08 -24.25 26.90
CA MET C 168 -5.28 -25.05 26.83
C MET C 168 -5.03 -26.47 27.32
N GLY C 169 -3.75 -26.86 27.41
CA GLY C 169 -3.39 -28.18 27.92
C GLY C 169 -3.37 -29.34 26.92
N SER C 170 -3.40 -29.06 25.63
CA SER C 170 -3.20 -30.13 24.62
C SER C 170 -2.77 -29.62 23.27
N TRP C 171 -1.93 -30.39 22.59
CA TRP C 171 -1.50 -30.08 21.23
C TRP C 171 -2.66 -30.10 20.25
N SER C 172 -3.73 -30.80 20.62
CA SER C 172 -4.92 -30.96 19.75
C SER C 172 -5.56 -29.63 19.35
N GLU C 173 -5.22 -28.56 20.08
CA GLU C 173 -5.73 -27.22 19.84
C GLU C 173 -5.05 -26.52 18.66
N ALA C 174 -3.88 -27.01 18.26
CA ALA C 174 -3.09 -26.35 17.23
C ALA C 174 -3.65 -26.59 15.83
N VAL C 175 -3.05 -25.92 14.85
CA VAL C 175 -3.49 -25.94 13.48
C VAL C 175 -2.81 -27.11 12.76
N PRO C 176 -3.57 -27.87 11.96
CA PRO C 176 -2.99 -28.95 11.16
C PRO C 176 -2.33 -28.44 9.89
N TYR C 177 -1.43 -29.22 9.30
CA TYR C 177 -0.75 -28.86 8.08
C TYR C 177 -1.48 -29.45 6.87
N GLY C 178 -2.27 -28.61 6.22
CA GLY C 178 -3.05 -29.00 5.07
C GLY C 178 -3.72 -27.77 4.51
N ILE C 179 -3.96 -27.77 3.21
CA ILE C 179 -4.55 -26.64 2.53
C ILE C 179 -6.02 -26.48 2.96
N PHE C 180 -6.88 -27.43 2.60
CA PHE C 180 -8.28 -27.38 3.04
C PHE C 180 -8.46 -27.49 4.57
N SER C 181 -7.74 -28.41 5.22
CA SER C 181 -7.89 -28.64 6.66
C SER C 181 -7.55 -27.43 7.56
N HIS C 182 -6.59 -26.57 7.14
CA HIS C 182 -6.31 -25.35 7.92
C HIS C 182 -7.50 -24.38 7.83
N LEU C 183 -8.21 -24.42 6.71
CA LEU C 183 -9.46 -23.69 6.52
C LEU C 183 -10.58 -24.24 7.39
N ASP C 184 -10.79 -25.58 7.36
CA ASP C 184 -11.77 -26.22 8.24
C ASP C 184 -11.49 -25.89 9.68
N TRP C 185 -10.22 -25.86 10.07
CA TRP C 185 -9.82 -25.57 11.45
C TRP C 185 -10.25 -24.14 11.85
N THR C 186 -10.10 -23.20 10.91
CA THR C 186 -10.39 -21.78 11.11
C THR C 186 -11.89 -21.58 11.32
N ASN C 187 -12.68 -22.16 10.40
CA ASN C 187 -14.14 -22.15 10.49
C ASN C 187 -14.58 -22.74 11.85
N ASN C 188 -14.08 -23.92 12.16
CA ASN C 188 -14.42 -24.58 13.41
C ASN C 188 -14.05 -23.78 14.65
N PHE C 189 -12.89 -23.11 14.62
CA PHE C 189 -12.47 -22.29 15.74
C PHE C 189 -13.51 -21.20 16.06
N SER C 190 -14.07 -20.56 15.04
CA SER C 190 -15.07 -19.52 15.26
C SER C 190 -16.40 -20.12 15.80
N LEU C 191 -16.83 -21.21 15.17
CA LEU C 191 -18.04 -21.92 15.57
C LEU C 191 -18.01 -22.27 17.07
N VAL C 192 -16.90 -22.85 17.49
CA VAL C 192 -16.70 -23.35 18.85
C VAL C 192 -16.55 -22.21 19.86
N HIS C 193 -16.15 -21.03 19.41
CA HIS C 193 -15.95 -19.91 20.34
C HIS C 193 -17.07 -18.87 20.32
N GLY C 194 -18.21 -19.24 19.76
CA GLY C 194 -19.37 -18.37 19.75
C GLY C 194 -19.35 -17.27 18.71
N ASN C 195 -18.63 -17.49 17.61
CA ASN C 195 -18.52 -16.57 16.47
C ASN C 195 -17.50 -15.46 16.73
N LEU C 196 -16.36 -15.53 16.01
CA LEU C 196 -15.28 -14.54 16.18
C LEU C 196 -15.69 -13.10 15.83
N PHE C 197 -16.77 -12.91 15.08
CA PHE C 197 -17.32 -11.56 14.91
C PHE C 197 -17.71 -10.87 16.22
N TYR C 198 -17.79 -11.60 17.33
CA TYR C 198 -18.09 -10.97 18.62
C TYR C 198 -16.82 -10.75 19.45
N ASN C 199 -15.69 -11.16 18.88
CA ASN C 199 -14.40 -10.96 19.48
C ASN C 199 -13.89 -9.56 19.02
N PRO C 200 -13.81 -8.60 19.93
CA PRO C 200 -13.48 -7.22 19.56
C PRO C 200 -12.09 -7.14 18.96
N PHE C 201 -11.19 -8.03 19.39
CA PHE C 201 -9.86 -8.15 18.82
C PHE C 201 -9.81 -8.68 17.37
N HIS C 202 -10.80 -9.50 16.98
CA HIS C 202 -10.96 -9.97 15.59
C HIS C 202 -11.45 -8.78 14.77
N GLY C 203 -12.34 -7.97 15.33
CA GLY C 203 -12.81 -6.77 14.66
C GLY C 203 -11.71 -5.74 14.41
N LEU C 204 -10.91 -5.50 15.43
CA LEU C 204 -9.71 -4.67 15.33
C LEU C 204 -8.77 -5.23 14.27
N SER C 205 -8.52 -6.53 14.34
CA SER C 205 -7.62 -7.17 13.40
C SER C 205 -8.07 -6.90 11.97
N ILE C 206 -9.37 -7.00 11.75
CA ILE C 206 -9.93 -6.76 10.42
C ILE C 206 -9.83 -5.27 10.02
N ALA C 207 -10.12 -4.37 10.96
CA ALA C 207 -9.95 -2.94 10.68
C ALA C 207 -8.53 -2.67 10.16
N PHE C 208 -7.53 -3.27 10.79
CA PHE C 208 -6.13 -3.04 10.39
C PHE C 208 -5.73 -3.76 9.08
N LEU C 209 -6.37 -4.91 8.79
CA LEU C 209 -6.11 -5.63 7.54
C LEU C 209 -6.71 -4.89 6.36
N TYR C 210 -7.96 -4.47 6.54
CA TYR C 210 -8.61 -3.61 5.55
C TYR C 210 -7.83 -2.30 5.47
N GLY C 211 -7.45 -1.75 6.63
CA GLY C 211 -6.71 -0.50 6.71
C GLY C 211 -5.36 -0.58 6.00
N SER C 212 -4.71 -1.75 6.07
CA SER C 212 -3.44 -1.96 5.41
C SER C 212 -3.61 -1.84 3.91
N ALA C 213 -4.72 -2.38 3.41
CA ALA C 213 -5.01 -2.31 1.98
C ALA C 213 -5.41 -0.89 1.58
N LEU C 214 -6.22 -0.25 2.43
CA LEU C 214 -6.52 1.15 2.24
C LEU C 214 -5.23 2.00 2.20
N LEU C 215 -4.37 1.83 3.20
CA LEU C 215 -3.19 2.66 3.34
C LEU C 215 -2.13 2.39 2.26
N PHE C 216 -1.95 1.12 1.89
CA PHE C 216 -0.96 0.85 0.85
C PHE C 216 -1.46 1.31 -0.49
N ALA C 217 -2.77 1.19 -0.73
CA ALA C 217 -3.33 1.73 -1.95
C ALA C 217 -3.12 3.25 -1.96
N MET C 218 -3.40 3.92 -0.84
CA MET C 218 -3.11 5.35 -0.70
C MET C 218 -1.64 5.69 -0.96
N HIS C 219 -0.72 5.05 -0.22
CA HIS C 219 0.70 5.38 -0.30
C HIS C 219 1.25 5.07 -1.69
N GLY C 220 0.97 3.85 -2.16
CA GLY C 220 1.36 3.44 -3.49
C GLY C 220 0.90 4.40 -4.58
N ALA C 221 -0.40 4.72 -4.55
CA ALA C 221 -0.97 5.64 -5.53
C ALA C 221 -0.33 7.04 -5.41
N THR C 222 -0.07 7.47 -4.17
CA THR C 222 0.52 8.78 -3.92
C THR C 222 1.94 8.88 -4.54
N ILE C 223 2.79 7.94 -4.19
CA ILE C 223 4.15 7.93 -4.67
C ILE C 223 4.21 7.86 -6.19
N LEU C 224 3.39 7.01 -6.81
CA LEU C 224 3.33 6.95 -8.25
C LEU C 224 2.84 8.28 -8.83
N ALA C 225 1.89 8.92 -8.13
CA ALA C 225 1.32 10.20 -8.61
C ALA C 225 2.38 11.33 -8.62
N VAL C 226 3.34 11.25 -7.71
CA VAL C 226 4.41 12.24 -7.63
C VAL C 226 5.77 11.66 -8.09
N SER C 227 5.76 10.55 -8.81
CA SER C 227 7.01 10.00 -9.33
C SER C 227 7.58 10.85 -10.48
N ARG C 228 6.74 11.69 -11.09
CA ARG C 228 7.18 12.70 -12.05
C ARG C 228 8.07 13.78 -11.39
N PHE C 229 8.16 13.77 -10.05
CA PHE C 229 9.06 14.65 -9.34
C PHE C 229 10.01 13.86 -8.49
N GLY C 230 10.21 12.60 -8.84
CA GLY C 230 11.13 11.73 -8.11
C GLY C 230 10.70 11.33 -6.71
N GLY C 231 9.40 11.27 -6.45
CA GLY C 231 8.86 10.93 -5.14
C GLY C 231 9.24 9.58 -4.54
N GLU C 232 9.51 8.57 -5.38
CA GLU C 232 9.86 7.25 -4.85
C GLU C 232 11.25 7.19 -4.23
N ARG C 233 12.06 8.21 -4.47
CA ARG C 233 13.37 8.29 -3.81
C ARG C 233 13.11 8.85 -2.45
N GLU C 234 12.54 7.99 -1.60
CA GLU C 234 11.94 8.40 -0.33
C GLU C 234 12.99 8.83 0.68
N LEU C 235 14.11 8.13 0.74
CA LEU C 235 15.16 8.45 1.72
C LEU C 235 15.74 9.87 1.51
N GLU C 236 15.90 10.26 0.25
CA GLU C 236 16.44 11.58 -0.07
C GLU C 236 15.36 12.64 0.13
N GLN C 237 14.10 12.27 -0.01
CA GLN C 237 13.03 13.22 0.29
C GLN C 237 12.91 13.45 1.78
N ILE C 238 13.29 12.44 2.55
CA ILE C 238 13.36 12.55 4.00
C ILE C 238 14.48 13.53 4.40
N ALA C 239 15.64 13.36 3.74
CA ALA C 239 16.85 14.11 4.07
C ALA C 239 16.75 15.53 3.55
N ASP C 240 15.95 15.74 2.50
CA ASP C 240 15.92 17.01 1.79
C ASP C 240 14.62 17.15 1.01
N ARG C 241 13.55 17.51 1.70
CA ARG C 241 12.20 17.58 1.15
C ARG C 241 12.16 18.23 -0.23
N GLY C 242 11.46 17.60 -1.18
CA GLY C 242 11.29 18.15 -2.51
C GLY C 242 9.83 18.48 -2.77
N THR C 243 9.53 18.96 -3.96
CA THR C 243 8.15 19.27 -4.31
C THR C 243 7.27 17.98 -4.41
N ALA C 244 7.87 16.83 -4.73
CA ALA C 244 7.16 15.54 -4.65
C ALA C 244 6.49 15.33 -3.29
N ALA C 245 7.29 15.44 -2.24
CA ALA C 245 6.86 15.23 -0.86
C ALA C 245 5.86 16.28 -0.46
N GLU C 246 6.08 17.50 -0.93
CA GLU C 246 5.17 18.60 -0.65
C GLU C 246 3.82 18.43 -1.30
N ARG C 247 3.81 18.04 -2.57
CA ARG C 247 2.55 17.84 -3.29
C ARG C 247 1.79 16.61 -2.74
N ALA C 248 2.54 15.58 -2.37
CA ALA C 248 2.00 14.37 -1.77
C ALA C 248 1.25 14.79 -0.51
N ALA C 249 1.96 15.52 0.35
CA ALA C 249 1.42 16.01 1.61
C ALA C 249 0.15 16.80 1.40
N LEU C 250 0.16 17.71 0.44
CA LEU C 250 -0.94 18.65 0.29
C LEU C 250 -2.14 18.03 -0.36
N PHE C 251 -1.92 17.03 -1.22
CA PHE C 251 -3.05 16.26 -1.74
C PHE C 251 -3.94 15.79 -0.58
N TRP C 252 -3.30 15.21 0.43
CA TRP C 252 -4.01 14.61 1.55
C TRP C 252 -4.53 15.66 2.52
N ARG C 253 -3.72 16.70 2.77
CA ARG C 253 -4.17 17.81 3.58
C ARG C 253 -5.45 18.44 3.00
N TRP C 254 -5.46 18.68 1.70
CA TRP C 254 -6.63 19.29 1.06
C TRP C 254 -7.83 18.33 0.95
N THR C 255 -7.54 17.04 0.82
CA THR C 255 -8.58 16.03 0.70
C THR C 255 -9.27 15.78 2.03
N MET C 256 -8.47 15.47 3.06
CA MET C 256 -8.99 14.97 4.32
C MET C 256 -8.55 15.75 5.55
N GLY C 257 -7.82 16.86 5.34
CA GLY C 257 -7.51 17.81 6.40
C GLY C 257 -6.28 17.55 7.25
N PHE C 258 -5.55 16.48 6.95
CA PHE C 258 -4.29 16.23 7.63
C PHE C 258 -3.41 15.41 6.68
N ASN C 259 -2.15 15.20 7.05
CA ASN C 259 -1.19 14.64 6.10
C ASN C 259 -0.02 14.07 6.85
N ALA C 260 0.82 13.37 6.13
CA ALA C 260 2.00 12.79 6.75
C ALA C 260 3.26 13.53 6.26
N THR C 261 4.42 13.07 6.70
CA THR C 261 5.68 13.37 6.02
C THR C 261 6.18 12.11 5.32
N MET C 262 7.17 12.32 4.45
CA MET C 262 7.85 11.25 3.75
C MET C 262 8.40 10.15 4.69
N GLU C 263 8.96 10.54 5.84
CA GLU C 263 9.36 9.54 6.84
C GLU C 263 8.15 8.93 7.61
N GLY C 264 7.25 9.80 8.08
CA GLY C 264 6.18 9.43 9.00
C GLY C 264 5.12 8.52 8.40
N ILE C 265 4.88 8.64 7.10
CA ILE C 265 3.96 7.75 6.40
C ILE C 265 4.42 6.30 6.53
N HIS C 266 5.73 6.11 6.63
CA HIS C 266 6.30 4.78 6.73
C HIS C 266 6.14 4.27 8.18
N ARG C 267 5.96 5.19 9.13
CA ARG C 267 5.57 4.81 10.50
C ARG C 267 4.08 4.45 10.60
N TRP C 268 3.22 5.16 9.88
CA TRP C 268 1.81 4.80 9.76
C TRP C 268 1.72 3.40 9.13
N ALA C 269 2.47 3.18 8.06
CA ALA C 269 2.52 1.91 7.34
C ALA C 269 2.91 0.74 8.23
N ILE C 270 4.03 0.84 8.93
CA ILE C 270 4.53 -0.29 9.71
C ILE C 270 3.58 -0.63 10.87
N TRP C 271 3.00 0.39 11.49
CA TRP C 271 2.05 0.17 12.58
C TRP C 271 0.69 -0.38 12.10
N MET C 272 0.17 0.16 11.01
CA MET C 272 -1.05 -0.32 10.43
C MET C 272 -0.93 -1.84 10.17
N ALA C 273 0.18 -2.24 9.54
CA ALA C 273 0.40 -3.64 9.23
C ALA C 273 0.67 -4.48 10.48
N VAL C 274 1.56 -4.04 11.39
CA VAL C 274 1.84 -4.88 12.54
C VAL C 274 0.67 -5.01 13.50
N LEU C 275 -0.23 -4.04 13.52
CA LEU C 275 -1.39 -4.15 14.40
C LEU C 275 -2.36 -5.27 13.97
N VAL C 276 -2.29 -5.69 12.70
CA VAL C 276 -3.09 -6.80 12.19
C VAL C 276 -2.86 -8.03 13.06
N THR C 277 -1.63 -8.49 13.13
CA THR C 277 -1.33 -9.71 13.86
C THR C 277 -1.19 -9.49 15.37
N LEU C 278 -0.96 -8.26 15.79
CA LEU C 278 -0.84 -7.99 17.22
C LEU C 278 -2.19 -8.19 17.88
N THR C 279 -3.19 -7.45 17.39
CA THR C 279 -4.57 -7.58 17.87
C THR C 279 -5.07 -8.99 17.58
N GLY C 280 -4.75 -9.51 16.40
CA GLY C 280 -5.16 -10.85 16.03
C GLY C 280 -4.70 -11.89 17.04
N GLY C 281 -3.40 -11.89 17.34
CA GLY C 281 -2.85 -12.81 18.32
C GLY C 281 -3.50 -12.74 19.68
N ILE C 282 -3.81 -11.51 20.13
CA ILE C 282 -4.45 -11.30 21.41
C ILE C 282 -5.84 -11.95 21.40
N GLY C 283 -6.59 -11.65 20.34
CA GLY C 283 -7.91 -12.21 20.11
C GLY C 283 -7.96 -13.72 20.15
N ILE C 284 -7.02 -14.37 19.46
CA ILE C 284 -6.92 -15.82 19.44
C ILE C 284 -6.50 -16.33 20.82
N LEU C 285 -5.57 -15.64 21.47
CA LEU C 285 -5.04 -16.09 22.75
C LEU C 285 -6.07 -16.11 23.87
N LEU C 286 -7.01 -15.15 23.86
CA LEU C 286 -8.03 -15.06 24.90
C LEU C 286 -9.14 -16.08 24.66
N SER C 287 -9.23 -16.58 23.42
CA SER C 287 -10.29 -17.49 23.02
C SER C 287 -10.07 -18.88 23.61
N GLY C 288 -10.95 -19.28 24.52
CA GLY C 288 -10.91 -20.62 25.09
C GLY C 288 -10.11 -20.65 26.37
N THR C 289 -9.20 -19.70 26.56
CA THR C 289 -8.43 -19.62 27.79
C THR C 289 -9.17 -18.78 28.80
N VAL C 290 -9.84 -17.73 28.32
CA VAL C 290 -10.50 -16.75 29.17
C VAL C 290 -11.95 -16.60 28.74
N VAL C 291 -12.17 -16.70 27.43
CA VAL C 291 -13.50 -16.50 26.88
C VAL C 291 -13.83 -17.72 26.07
N ASP C 292 -14.84 -18.46 26.54
CA ASP C 292 -15.35 -19.66 25.89
C ASP C 292 -16.24 -19.34 24.73
N ASN C 293 -16.95 -18.23 24.86
CA ASN C 293 -18.02 -17.90 23.93
C ASN C 293 -18.10 -16.39 23.82
N TRP C 294 -17.78 -15.87 22.63
CA TRP C 294 -17.67 -14.43 22.44
C TRP C 294 -19.03 -13.74 22.43
N TYR C 295 -20.06 -14.44 21.90
CA TYR C 295 -21.42 -13.93 21.97
C TYR C 295 -21.81 -13.66 23.43
N VAL C 296 -21.56 -14.66 24.26
CA VAL C 296 -21.89 -14.58 25.68
C VAL C 296 -21.12 -13.43 26.35
N TRP C 297 -19.81 -13.42 26.14
CA TRP C 297 -18.97 -12.35 26.67
C TRP C 297 -19.48 -10.97 26.26
N GLY C 298 -19.93 -10.84 25.01
CA GLY C 298 -20.45 -9.57 24.53
C GLY C 298 -21.71 -9.11 25.25
N GLN C 299 -22.53 -10.08 25.66
CA GLN C 299 -23.79 -9.79 26.35
C GLN C 299 -23.51 -9.26 27.76
N ASN C 300 -22.34 -9.62 28.29
CA ASN C 300 -21.90 -9.12 29.57
C ASN C 300 -21.00 -7.88 29.47
N HIS C 301 -20.51 -7.61 28.25
CA HIS C 301 -19.45 -6.63 28.00
C HIS C 301 -18.17 -7.04 28.72
N GLY C 302 -18.29 -8.06 29.59
CA GLY C 302 -17.22 -8.62 30.41
C GLY C 302 -17.66 -9.79 31.30
N MET C 303 -17.41 -10.98 31.03
C1 GOL D . 14.66 8.91 16.22
O1 GOL D . 14.89 7.69 15.51
C2 GOL D . 13.20 9.11 16.65
O2 GOL D . 13.04 10.42 17.16
C3 GOL D . 12.20 8.82 15.53
O3 GOL D . 11.29 9.86 15.23
C1 GOL E . -5.54 10.86 22.88
O1 GOL E . -4.29 11.25 23.44
C2 GOL E . -5.76 11.39 21.46
O2 GOL E . -4.54 11.47 20.77
C3 GOL E . -6.74 10.48 20.71
O3 GOL E . -6.52 10.52 19.32
C1 GOL F . -9.28 7.24 20.19
O1 GOL F . -8.84 6.47 19.10
C2 GOL F . -9.99 6.36 21.22
O2 GOL F . -9.18 5.25 21.50
C3 GOL F . -10.25 7.14 22.49
O3 GOL F . -10.30 6.26 23.60
C1 GOL G . -13.27 3.68 21.34
O1 GOL G . -13.20 4.14 20.01
C2 GOL G . -14.68 3.12 21.59
O2 GOL G . -14.66 2.27 22.71
C3 GOL G . -15.69 4.25 21.80
O3 GOL G . -15.19 5.24 22.68
MG BCL H . -17.61 -3.48 7.24
CHA BCL H . -15.89 -4.01 10.15
CHB BCL H . -17.39 -0.14 7.83
CHC BCL H . -19.06 -2.90 4.33
CHD BCL H . -17.41 -6.82 6.51
NA BCL H . -16.92 -2.31 8.77
C1A BCL H . -16.07 -2.68 9.79
C2A BCL H . -15.76 -1.57 10.74
C3A BCL H . -16.61 -0.45 10.16
C4A BCL H . -17.25 -0.99 8.92
CMA BCL H . -17.74 -0.18 11.18
CAA BCL H . -14.25 -1.23 10.59
CBA BCL H . -13.94 -0.93 9.11
CGA BCL H . -12.51 -0.50 8.78
O1A BCL H . -11.64 -0.11 9.80
O2A BCL H . -12.10 -0.47 7.60
NB BCL H . -18.04 -1.78 6.17
C1B BCL H . -17.97 -0.49 6.62
C2B BCL H . -18.40 0.33 5.56
C3B BCL H . -18.72 -0.45 4.48
C4B BCL H . -18.43 -1.76 4.86
CMB BCL H . -18.44 1.83 5.81
CAB BCL H . -19.18 0.06 3.14
OBB BCL H . -19.65 1.23 2.97
CBB BCL H . -19.07 -0.82 1.97
NC BCL H . -18.14 -4.64 5.65
C1C BCL H . -18.50 -4.15 4.46
C2C BCL H . -18.86 -5.27 3.53
C3C BCL H . -17.98 -6.39 4.07
C4C BCL H . -17.67 -5.87 5.44
CMC BCL H . -20.35 -5.66 3.62
CAC BCL H . -16.70 -6.52 3.23
CBC BCL H . -15.76 -5.29 3.31
ND BCL H . -16.65 -5.09 8.03
C1D BCL H . -16.69 -6.40 7.62
C2D BCL H . -16.27 -7.16 8.72
C3D BCL H . -15.91 -6.27 9.74
C4D BCL H . -16.16 -5.02 9.26
CMD BCL H . -16.14 -8.65 8.87
CAD BCL H . -15.43 -6.12 11.06
OBD BCL H . -15.03 -7.09 11.98
CBD BCL H . -15.35 -4.64 11.43
CGD BCL H . -16.15 -4.34 12.66
O1D BCL H . -15.59 -4.26 13.79
O2D BCL H . -17.41 -4.19 12.61
CED BCL H . -18.11 -4.02 13.81
C1 BCL H . -10.81 0.00 7.25
C2 BCL H . -10.86 1.49 6.96
C3 BCL H . -10.34 2.43 7.84
C4 BCL H . -9.38 2.05 8.94
C5 BCL H . -10.70 3.89 7.65
C6 BCL H . -11.67 4.30 8.75
C7 BCL H . -13.11 4.21 8.25
C8 BCL H . -14.11 3.61 9.24
C9 BCL H . -13.72 3.73 10.71
C10 BCL H . -15.47 4.23 8.95
C11 BCL H . -16.64 3.58 9.67
C12 BCL H . -17.93 4.30 9.31
C13 BCL H . -19.18 3.73 9.97
C14 BCL H . -19.26 4.01 11.46
C15 BCL H . -20.41 4.26 9.23
C16 BCL H . -20.50 5.77 9.31
C17 BCL H . -21.49 6.31 8.29
C18 BCL H . -22.01 7.65 8.78
C19 BCL H . -21.45 8.79 7.91
C20 BCL H . -23.52 7.63 8.80
N1 LDA I . -19.50 4.84 20.23
O1 LDA I . -18.79 4.00 20.85
CM1 LDA I . -20.50 5.38 21.17
CM2 LDA I . -18.65 5.96 19.76
C1 LDA I . -20.20 4.17 19.13
C2 LDA I . -19.25 3.90 17.96
C3 LDA I . -19.97 4.08 16.62
C4 LDA I . -19.65 5.42 15.95
C5 LDA I . -20.91 6.23 15.65
C6 LDA I . -21.30 6.17 14.17
C7 LDA I . -22.77 6.53 13.94
C8 LDA I . -23.65 5.30 13.77
C9 LDA I . -24.19 5.14 12.34
C10 LDA I . -25.24 4.04 12.26
C11 LDA I . -24.84 2.95 11.29
C12 LDA I . -25.62 3.04 9.98
N1 LDA J . 21.77 -17.65 -7.28
O1 LDA J . 21.62 -18.60 -6.48
CM1 LDA J . 23.20 -17.28 -7.28
CM2 LDA J . 21.44 -18.12 -8.65
C1 LDA J . 20.97 -16.51 -6.87
C2 LDA J . 19.49 -16.90 -6.83
C3 LDA J . 18.74 -16.27 -5.66
C4 LDA J . 17.34 -15.83 -6.10
C5 LDA J . 16.24 -16.45 -5.24
C6 LDA J . 14.90 -15.74 -5.45
C7 LDA J . 14.02 -15.90 -4.21
C8 LDA J . 12.54 -15.57 -4.48
C9 LDA J . 12.12 -14.24 -3.85
C10 LDA J . 11.22 -14.43 -2.63
C11 LDA J . 10.68 -13.09 -2.14
C12 LDA J . 9.77 -13.25 -0.92
N1 LDA K . -6.85 -21.06 -8.51
O1 LDA K . -7.59 -21.45 -9.46
CM1 LDA K . -6.00 -19.98 -9.04
CM2 LDA K . -7.72 -20.55 -7.43
C1 LDA K . -6.03 -22.19 -8.04
C2 LDA K . -5.71 -22.06 -6.54
C3 LDA K . -4.22 -21.83 -6.29
C4 LDA K . -3.91 -20.34 -6.05
C5 LDA K . -4.68 -19.75 -4.87
C6 LDA K . -3.80 -19.03 -3.87
C7 LDA K . -3.30 -19.99 -2.78
C8 LDA K . -1.78 -19.97 -2.60
C9 LDA K . -1.23 -18.55 -2.53
C10 LDA K . -0.30 -18.27 -3.69
C11 LDA K . 0.87 -17.38 -3.29
C12 LDA K . 1.81 -17.18 -4.46
N1 LDA L . -2.29 -13.53 -10.97
O1 LDA L . -3.44 -14.03 -10.89
CM1 LDA L . -1.55 -14.16 -12.09
CM2 LDA L . -2.42 -12.10 -11.29
C1 LDA L . -1.54 -13.66 -9.72
C2 LDA L . -1.58 -15.10 -9.18
C3 LDA L . -2.50 -15.25 -7.97
C4 LDA L . -1.72 -15.61 -6.69
C5 LDA L . -2.14 -14.73 -5.53
C6 LDA L . -1.04 -14.63 -4.47
C7 LDA L . -0.34 -13.27 -4.50
C8 LDA L . 1.05 -13.39 -5.11
C9 LDA L . 1.71 -12.03 -5.30
C10 LDA L . 3.23 -12.15 -5.54
C11 LDA L . 4.04 -11.35 -4.54
C12 LDA L . 5.01 -12.24 -3.76
O1D BPH M . -9.85 9.95 1.16
CGD BPH M . -9.64 8.58 1.24
O2D BPH M . -9.02 8.03 2.21
CED BPH M . -8.41 8.72 3.28
CBD BPH M . -10.19 7.74 0.12
CHA BPH M . -10.68 6.39 0.64
C4D BPH M . -9.93 5.41 0.01
C3D BPH M . -9.13 5.96 -0.92
CAD BPH M . -9.04 7.34 -0.77
OBD BPH M . -8.61 8.16 -1.81
C2D BPH M . -8.45 4.84 -1.61
CMD BPH M . -7.13 5.02 -2.29
C1D BPH M . -8.98 3.74 -0.94
ND BPH M . -9.89 4.08 0.04
CHD BPH M . -8.63 2.31 -1.21
C4C BPH M . -9.21 1.21 -0.44
C3C BPH M . -8.73 -0.20 -0.54
CAC BPH M . -8.22 -0.57 -1.94
CBC BPH M . -9.22 -0.42 -3.10
C2C BPH M . -9.94 -0.97 0.01
CMC BPH M . -9.50 -2.15 0.90
C1C BPH M . -10.56 0.13 0.86
NC BPH M . -10.24 1.34 0.41
CHC BPH M . -11.34 -0.11 2.08
C4B BPH M . -12.41 0.74 2.71
C3B BPH M . -13.17 0.36 3.81
CAB BPH M . -13.51 -1.04 4.26
CBB BPH M . -12.52 -2.05 3.81
OBB BPH M . -14.67 -1.41 5.02
C2B BPH M . -13.63 1.50 4.45
CMB BPH M . -14.57 1.62 5.61
C1B BPH M . -13.05 2.52 3.69
NB BPH M . -12.29 2.10 2.65
CHB BPH M . -13.23 3.98 3.98
C4A BPH M . -12.69 5.10 3.21
C3A BPH M . -12.84 6.53 3.65
CMA BPH M . -11.88 6.77 4.82
C2A BPH M . -12.41 7.26 2.38
C1A BPH M . -11.66 6.19 1.63
NA BPH M . -12.01 4.98 2.07
CAA BPH M . -13.64 7.66 1.58
CBA BPH M . -14.27 8.92 2.20
CGA BPH M . -15.53 9.38 1.51
O1A BPH M . -16.06 8.73 0.39
O2A BPH M . -16.14 10.39 1.95
C1 BPH M . -17.30 10.92 1.32
C2 BPH M . -18.54 10.40 2.01
C3 BPH M . -18.84 10.69 3.42
C4 BPH M . -18.09 11.75 4.18
C5 BPH M . -19.90 9.92 4.15
C6 BPH M . -21.03 9.42 3.24
C7 BPH M . -22.19 9.03 4.16
C8 BPH M . -23.25 8.18 3.47
C9 BPH M . -24.13 9.09 2.60
C10 BPH M . -24.12 7.51 4.53
C11 BPH M . -23.55 6.18 5.03
C12 BPH M . -23.91 5.05 4.07
C13 BPH M . -23.03 3.82 4.28
C14 BPH M . -23.20 2.88 3.09
C15 BPH M . -23.36 3.16 5.63
C16 BPH M . -22.39 2.01 5.96
C17 BPH M . -22.63 1.48 7.38
C18 BPH M . -21.57 0.47 7.78
C19 BPH M . -21.76 0.09 9.24
C20 BPH M . -21.65 -0.79 6.89
C1 UQ2 N . 10.79 -6.69 -2.43
C1 UQ2 N . 11.78 -3.34 -1.86
C2 UQ2 N . 10.98 -5.52 -1.66
C2 UQ2 N . 12.00 -1.95 -1.83
C3 UQ2 N . 10.06 -5.25 -0.62
C3 UQ2 N . 11.48 -1.14 -0.82
C4 UQ2 N . 8.97 -6.12 -0.41
C4 UQ2 N . 10.69 -1.76 0.14
C5 UQ2 N . 8.80 -7.27 -1.19
C5 UQ2 N . 10.45 -3.14 0.13
C6 UQ2 N . 9.72 -7.56 -2.21
C6 UQ2 N . 10.99 -3.94 -0.88
CM2 UQ2 N . 12.56 -3.79 -1.73
CM2 UQ2 N . 14.14 -1.25 -2.31
CM3 UQ2 N . 10.42 -4.08 1.34
CM3 UQ2 N . 12.11 1.15 -0.49
CM5 UQ2 N . 7.61 -8.14 -0.88
CM5 UQ2 N . 9.62 -3.79 1.18
C7 UQ2 N . 9.67 -8.90 -2.94
C7 UQ2 N . 10.93 -5.45 -0.76
C8 UQ2 N . 9.03 -8.77 -4.31
C8 UQ2 N . 9.95 -6.03 -1.76
C9 UQ2 N . 8.74 -9.90 -5.24
C9 UQ2 N . 10.10 -7.40 -2.28
C10 UQ2 N . 7.87 -9.65 -6.45
C10 UQ2 N . 11.38 -7.83 -2.94
C11 UQ2 N . 9.30 -11.29 -5.00
C11 UQ2 N . 8.96 -8.39 -2.18
C12 UQ2 N . 9.36 -12.16 -6.27
C12 UQ2 N . 8.90 -9.00 -0.78
C13 UQ2 N . 10.77 -12.25 -6.82
C13 UQ2 N . 7.51 -8.92 -0.23
C14 UQ2 N . 11.19 -13.24 -7.82
C14 UQ2 N . 6.45 -9.84 -0.70
C15 UQ2 N . 10.24 -13.76 -8.87
C15 UQ2 N . 5.28 -9.29 -1.47
C16 UQ2 N . 12.60 -13.76 -7.82
C16 UQ2 N . 6.55 -11.32 -0.42
O1 UQ2 N . 11.62 -6.94 -3.31
O1 UQ2 N . 12.44 -4.09 -2.59
O2 UQ2 N . 12.17 -5.12 -1.58
O2 UQ2 N . 12.79 -1.46 -2.64
O3 UQ2 N . 10.06 -4.15 -0.02
O3 UQ2 N . 12.22 -0.26 -0.33
O4 UQ2 N . 8.08 -5.82 0.39
O4 UQ2 N . 10.38 -1.07 1.10
MG BCL O . -14.77 -13.49 3.74
CHA BCL O . -15.83 -10.86 1.74
CHB BCL O . -11.75 -11.96 3.81
CHC BCL O . -13.77 -15.75 5.99
CHD BCL O . -18.00 -14.28 4.28
NA BCL O . -13.90 -11.83 2.83
C1A BCL O . -14.51 -10.76 2.22
C2A BCL O . -13.51 -9.80 1.60
C3A BCL O . -12.19 -10.48 1.93
C4A BCL O . -12.55 -11.70 2.71
CMA BCL O . -11.57 -11.02 0.64
CAA BCL O . -13.69 -8.44 2.32
CBA BCL O . -12.90 -7.22 1.80
CGA BCL O . -13.61 -6.44 0.71
O1A BCL O . -14.67 -7.00 -0.01
O2A BCL O . -13.25 -5.26 0.39
NB BCL O . -13.06 -13.74 4.83
C1B BCL O . -11.88 -13.04 4.68
C2B BCL O . -10.92 -13.59 5.55
C3B BCL O . -11.50 -14.65 6.24
C4B BCL O . -12.83 -14.70 5.80
CMB BCL O . -9.54 -12.96 5.55
CAB BCL O . -10.84 -15.53 7.27
OBB BCL O . -11.41 -16.57 7.62
CBB BCL O . -9.48 -15.16 7.84
NC BCL O . -15.69 -15.03 4.76
C1C BCL O . -15.14 -15.60 5.84
C2C BCL O . -16.07 -16.64 6.42
C3C BCL O . -17.42 -16.17 5.93
C4C BCL O . -17.02 -15.20 4.84
CMC BCL O . -15.78 -18.05 5.87
CAC BCL O . -18.17 -15.46 7.06
CBC BCL O . -18.72 -16.45 8.10
ND BCL O . -16.56 -12.99 2.90
C1D BCL O . -17.78 -13.60 3.10
C2D BCL O . -18.71 -12.68 2.54
C3D BCL O . -17.99 -11.62 1.98
C4D BCL O . -16.68 -11.84 2.25
CMD BCL O . -20.21 -12.72 2.40
CAD BCL O . -18.12 -10.41 1.30
OBD BCL O . -19.31 -9.81 0.84
CBD BCL O . -16.74 -9.80 1.11
CGD BCL O . -16.45 -9.39 -0.30
O1D BCL O . -15.74 -10.06 -1.08
O2D BCL O . -16.96 -8.31 -0.69
CED BCL O . -16.85 -7.87 -2.05
C1 BCL O . -14.02 -4.37 -0.41
C2 BCL O . -14.14 -3.00 0.27
C3 BCL O . -15.34 -2.35 0.60
C4 BCL O . -16.68 -2.94 0.24
C5 BCL O . -15.32 -1.02 1.33
C6 BCL O . -15.79 0.11 0.40
C7 BCL O . -16.21 1.37 1.16
C8 BCL O . -15.97 2.70 0.43
C9 BCL O . -16.49 2.78 -1.01
C10 BCL O . -16.37 3.98 1.17
C11 BCL O . -17.03 3.86 2.55
C12 BCL O . -16.53 5.01 3.41
C13 BCL O . -17.51 5.84 4.26
C14 BCL O . -18.83 5.16 4.64
C15 BCL O . -16.70 6.24 5.49
C16 BCL O . -17.31 7.37 6.30
C17 BCL O . -16.35 8.56 6.34
C18 BCL O . -15.59 8.64 7.66
C19 BCL O . -14.37 7.71 7.70
C20 BCL O . -15.19 10.09 7.93
P PO4 P . -45.02 -5.98 3.96
O1 PO4 P . -46.03 -7.00 3.51
O2 PO4 P . -43.71 -6.20 3.21
O3 PO4 P . -45.54 -4.59 3.66
O4 PO4 P . -44.78 -6.12 5.45
C1 HTO Q . -33.41 2.09 -8.09
O1 HTO Q . -34.83 2.01 -7.92
C2 HTO Q . -32.73 2.51 -6.81
O2 HTO Q . -33.57 2.08 -5.74
C3 HTO Q . -31.34 1.89 -6.65
O3 HTO Q . -31.18 1.33 -5.34
C4 HTO Q . -30.21 2.90 -6.89
C5 HTO Q . -28.90 2.47 -6.22
C6 HTO Q . -27.76 2.53 -7.24
C7 HTO Q . -26.78 3.60 -6.89
C1 GOL R . 17.75 9.86 13.88
O1 GOL R . 17.86 9.62 15.27
C2 GOL R . 18.65 8.88 13.14
O2 GOL R . 18.47 8.98 11.74
C3 GOL R . 18.36 7.47 13.66
O3 GOL R . 19.45 6.98 14.42
C1 GOL S . -40.78 5.36 -3.71
O1 GOL S . -41.45 5.55 -2.47
C2 GOL S . -39.28 5.32 -3.42
O2 GOL S . -39.00 4.21 -2.60
C3 GOL S . -38.50 5.18 -4.72
O3 GOL S . -37.14 5.02 -4.39
MG BCL T . -3.73 -19.65 5.98
CHA BCL T . -4.85 -18.81 2.87
CHB BCL T . -0.68 -20.29 4.53
CHC BCL T . -2.29 -19.42 8.96
CHD BCL T . -6.75 -18.99 7.28
NA BCL T . -2.96 -19.69 4.07
C1A BCL T . -3.49 -19.11 2.94
C2A BCL T . -2.65 -19.37 1.73
C3A BCL T . -1.54 -20.25 2.28
C4A BCL T . -1.81 -20.35 3.73
CMA BCL T . -1.68 -21.68 1.75
CAA BCL T . -2.04 -18.04 1.22
CBA BCL T . -1.26 -17.25 2.32
CGA BCL T . -0.59 -15.93 1.93
O1A BCL T . -0.98 -15.27 0.76
O2A BCL T . 0.31 -15.40 2.66
NB BCL T . -1.84 -20.07 6.67
C1B BCL T . -0.71 -20.37 5.93
C2B BCL T . 0.39 -20.41 6.80
C3B BCL T . -0.04 -20.10 8.06
C4B BCL T . -1.43 -19.90 7.96
CMB BCL T . 1.77 -20.74 6.22
CAB BCL T . 0.82 -20.04 9.30
OBB BCL T . 2.00 -20.50 9.31
CBB BCL T . 0.23 -19.43 10.50
NC BCL T . -4.35 -19.15 7.85
C1C BCL T . -3.67 -19.46 8.94
C2C BCL T . -4.48 -19.32 10.21
C3C BCL T . -5.88 -19.00 9.68
C4C BCL T . -5.64 -18.95 8.21
CMC BCL T . -4.54 -20.63 11.00
CAC BCL T . -6.40 -17.69 10.26
CBC BCL T . -5.68 -16.45 9.69
ND BCL T . -5.41 -18.76 5.29
C1D BCL T . -6.57 -18.53 5.98
C2D BCL T . -7.57 -18.41 4.99
C3D BCL T . -6.92 -18.48 3.76
C4D BCL T . -5.61 -18.69 3.99
CMD BCL T . -9.05 -18.18 5.08
CAD BCL T . -7.12 -18.45 2.37
OBD BCL T . -8.30 -18.27 1.67
CBD BCL T . -5.78 -18.64 1.67
CGD BCL T . -5.83 -19.82 0.76
O1D BCL T . -5.58 -19.71 -0.47
O2D BCL T . -6.11 -20.95 1.19
CED BCL T . -5.89 -22.02 0.30
C1 BCL T . 1.32 -14.46 2.26
C2 BCL T . 2.12 -14.87 1.02
C3 BCL T . 3.47 -15.27 0.98
C4 BCL T . 4.54 -14.31 0.60
C5 BCL T . 3.95 -16.69 1.24
C6 BCL T . 2.80 -17.69 1.07
C7 BCL T . 3.18 -18.96 0.28
C8 BCL T . 2.08 -20.02 0.42
C9 BCL T . 2.19 -21.10 -0.66
C10 BCL T . 2.00 -20.55 1.87
C11 BCL T . 3.02 -21.61 2.27
C12 BCL T . 2.38 -22.98 2.40
C13 BCL T . 3.12 -23.95 1.46
C14 BCL T . 4.18 -24.75 2.23
C15 BCL T . 2.13 -24.84 0.71
C16 BCL T . 2.60 -25.16 -0.71
C17 BCL T . 1.44 -25.45 -1.66
C18 BCL T . 1.42 -26.87 -2.26
C19 BCL T . 2.78 -27.54 -2.31
C20 BCL T . 0.41 -27.76 -1.53
MG BCL U . -11.26 -14.03 10.61
CHA BCL U . -8.10 -14.35 11.88
CHB BCL U . -10.06 -11.58 8.52
CHC BCL U . -14.21 -14.03 8.98
CHD BCL U . -12.13 -17.02 12.05
NA BCL U . -9.45 -13.00 10.41
C1A BCL U . -8.29 -13.21 11.11
C2A BCL U . -7.21 -12.19 10.74
C3A BCL U . -7.88 -11.31 9.69
C4A BCL U . -9.25 -11.91 9.59
CMA BCL U . -7.95 -9.84 10.11
CAA BCL U . -5.91 -12.81 10.19
CBA BCL U . -4.84 -11.75 9.95
CGA BCL U . -3.60 -12.34 9.30
O1A BCL U . -2.74 -11.49 8.62
O2A BCL U . -3.34 -13.58 9.33
NB BCL U . -12.08 -12.80 9.21
C1B BCL U . -11.45 -11.79 8.50
C2B BCL U . -12.39 -11.28 7.57
C3B BCL U . -13.54 -11.98 7.69
C4B BCL U . -13.37 -12.91 8.72
CMB BCL U . -11.97 -10.15 6.64
CAB BCL U . -14.76 -11.72 6.85
OBB BCL U . -14.70 -10.99 5.81
CBB BCL U . -16.01 -12.37 7.30
NC BCL U . -12.92 -15.23 10.56
C1C BCL U . -14.10 -14.84 10.10
C2C BCL U . -15.13 -15.91 10.33
C3C BCL U . -14.31 -17.13 10.72
C4C BCL U . -12.97 -16.52 10.96
CMC BCL U . -16.08 -15.45 11.44
CAC BCL U . -14.15 -18.21 9.63
CBC BCL U . -15.45 -18.99 9.44
ND BCL U . -10.27 -15.53 11.58
C1D BCL U . -10.76 -16.77 11.97
C2D BCL U . -9.71 -17.30 12.80
C3D BCL U . -8.66 -16.36 12.78
C4D BCL U . -9.05 -15.33 12.01
CMD BCL U . -9.59 -18.58 13.57
CAD BCL U . -7.35 -16.12 13.24
OBD BCL U . -6.53 -16.92 14.06
CBD BCL U . -6.92 -14.75 12.74
CGD BCL U . -6.98 -13.82 13.91
O1D BCL U . -6.00 -13.16 14.30
O2D BCL U . -8.08 -13.69 14.53
CED BCL U . -8.23 -12.89 15.70
C1 BCL U . -2.36 -14.17 8.52
C2 BCL U . -1.00 -14.09 9.19
C3 BCL U . -0.42 -15.14 9.90
C4 BCL U . -1.23 -16.39 10.16
C5 BCL U . 1.00 -15.04 10.42
C6 BCL U . 2.00 -15.90 9.62
C7 BCL U . 3.27 -16.06 10.47
C8 BCL U . 4.57 -16.53 9.83
C9 BCL U . 5.59 -16.64 10.95
C10 BCL U . 4.44 -17.83 9.06
C11 BCL U . 5.66 -18.23 8.23
C12 BCL U . 5.22 -19.13 7.07
C13 BCL U . 6.36 -19.91 6.42
C14 BCL U . 6.94 -20.96 7.35
C15 BCL U . 5.92 -20.55 5.11
C16 BCL U . 6.83 -19.98 4.02
C17 BCL U . 6.64 -20.61 2.64
C18 BCL U . 7.07 -19.68 1.51
C19 BCL U . 8.25 -18.77 1.84
C20 BCL U . 7.41 -20.50 0.26
N1 LDA V . -14.53 -3.36 17.81
O1 LDA V . -13.54 -3.23 18.59
CM1 LDA V . -14.36 -4.55 16.96
CM2 LDA V . -15.72 -3.62 18.65
C1 LDA V . -14.71 -2.15 16.99
C2 LDA V . -13.66 -1.95 15.88
C3 LDA V . -13.73 -0.55 15.26
C4 LDA V . -12.61 -0.21 14.27
C5 LDA V . -11.74 0.99 14.68
C6 LDA V . -10.79 1.44 13.57
C7 LDA V . -9.47 2.06 14.06
C8 LDA V . -8.41 2.19 12.94
C9 LDA V . -7.27 3.18 13.24
C10 LDA V . -5.96 2.98 12.44
C11 LDA V . -4.77 3.77 13.00
C12 LDA V . -3.41 3.08 12.84
N1 LDA W . 5.18 -2.58 -22.44
O1 LDA W . 5.83 -3.38 -23.15
CM1 LDA W . 5.90 -1.29 -22.41
CM2 LDA W . 3.86 -2.32 -23.07
C1 LDA W . 5.01 -3.08 -21.08
C2 LDA W . 4.82 -4.59 -21.07
C3 LDA W . 4.21 -5.06 -19.75
C4 LDA W . 4.63 -6.48 -19.38
C5 LDA W . 3.77 -7.04 -18.25
C6 LDA W . 4.42 -8.22 -17.53
C7 LDA W . 4.84 -7.88 -16.10
C8 LDA W . 4.95 -9.11 -15.21
C9 LDA W . 5.94 -8.87 -14.08
C10 LDA W . 5.62 -9.63 -12.80
C11 LDA W . 6.37 -9.04 -11.59
C12 LDA W . 5.65 -9.23 -10.26
N1 LDA X . -3.25 19.53 12.10
O1 LDA X . -2.75 20.17 11.14
CM1 LDA X . -2.17 19.06 13.00
CM2 LDA X . -4.11 20.44 12.87
C1 LDA X . -4.03 18.41 11.56
C2 LDA X . -4.63 17.56 12.69
C3 LDA X . -4.31 16.07 12.52
C4 LDA X . -5.30 15.19 13.26
C5 LDA X . -5.76 14.04 12.41
C6 LDA X . -5.23 12.71 12.95
C7 LDA X . -6.39 11.88 13.49
C8 LDA X . -7.08 11.07 12.41
C9 LDA X . -6.34 9.77 12.12
C10 LDA X . -6.95 8.58 12.87
C11 LDA X . -6.24 7.29 12.51
C12 LDA X . -7.06 6.46 11.55
N1 LDA Y . -8.35 19.73 11.89
O1 LDA Y . -9.22 20.63 11.92
CM1 LDA Y . -7.30 20.19 10.97
CM2 LDA Y . -7.80 19.58 13.25
C1 LDA Y . -9.00 18.51 11.41
C2 LDA Y . -8.11 17.27 11.59
C3 LDA Y . -8.49 16.14 10.64
C4 LDA Y . -8.97 14.91 11.41
C5 LDA Y . -9.65 13.90 10.49
C6 LDA Y . -10.14 12.71 11.31
C7 LDA Y . -11.64 12.51 11.19
C8 LDA Y . -12.20 11.64 12.33
C9 LDA Y . -12.62 10.26 11.84
C10 LDA Y . -12.10 9.15 12.75
C11 LDA Y . -12.34 7.76 12.17
C12 LDA Y . -11.66 6.68 13.01
N1 LDA Z . 25.63 -22.09 -3.68
O1 LDA Z . 25.86 -21.09 -4.39
CM1 LDA Z . 25.61 -23.31 -4.52
CM2 LDA Z . 26.74 -22.23 -2.73
C1 LDA Z . 24.38 -21.94 -2.93
C2 LDA Z . 23.25 -21.33 -3.79
C3 LDA Z . 22.18 -20.63 -2.93
C4 LDA Z . 20.76 -21.09 -3.24
C5 LDA Z . 19.73 -19.98 -3.02
C6 LDA Z . 18.58 -20.41 -2.12
C7 LDA Z . 17.35 -19.52 -2.28
C8 LDA Z . 16.68 -19.18 -0.94
C9 LDA Z . 15.42 -18.32 -1.11
C10 LDA Z . 14.73 -18.05 0.23
C11 LDA Z . 13.27 -17.63 0.06
C12 LDA Z . 12.52 -17.57 1.38
FE FE AA . 7.05 4.42 0.59
O1D BPH BA . 11.79 -12.42 5.61
CGD BPH BA . 10.45 -12.04 5.76
O2D BPH BA . 9.82 -11.59 4.77
CED BPH BA . 10.43 -11.44 3.50
CBD BPH BA . 9.77 -12.17 7.10
CHA BPH BA . 8.32 -12.56 6.91
C4D BPH BA . 7.53 -11.47 7.29
C3D BPH BA . 8.30 -10.44 7.69
CAD BPH BA . 9.62 -10.83 7.78
OBD BPH BA . 10.68 -9.91 7.78
C2D BPH BA . 7.39 -9.44 8.30
CMD BPH BA . 7.80 -8.00 8.38
C1D BPH BA . 6.12 -10.02 8.08
ND BPH BA . 6.21 -11.28 7.49
CHD BPH BA . 4.79 -9.42 8.46
C4C BPH BA . 3.50 -10.07 8.16
C3C BPH BA . 2.13 -9.47 8.39
CAC BPH BA . 1.91 -8.99 9.82
CBC BPH BA . 2.71 -7.74 10.18
C2C BPH BA . 1.19 -10.65 8.13
CMC BPH BA . 0.08 -10.28 7.16
C1C BPH BA . 2.13 -11.63 7.50
NC BPH BA . 3.41 -11.30 7.65
CHC BPH BA . 1.68 -12.79 6.73
C4B BPH BA . 2.32 -14.13 6.70
C3B BPH BA . 1.70 -15.19 6.03
CAB BPH BA . 0.21 -15.39 5.89
CBB BPH BA . -0.61 -14.21 5.69
OBB BPH BA . -0.37 -16.67 5.97
C2B BPH BA . 2.64 -15.91 5.32
CMB BPH BA . 2.51 -17.28 4.72
C1B BPH BA . 3.80 -15.22 5.57
NB BPH BA . 3.64 -14.14 6.37
CHB BPH BA . 5.13 -15.60 4.99
C4A BPH BA . 6.43 -15.06 5.42
C3A BPH BA . 7.73 -15.58 4.88
CMA BPH BA . 7.85 -15.22 3.40
C2A BPH BA . 8.75 -14.84 5.77
C1A BPH BA . 7.88 -13.77 6.37
NA BPH BA . 6.59 -14.06 6.28
CAA BPH BA . 9.31 -15.80 6.85
CBA BPH BA . 10.38 -16.73 6.28
CGA BPH BA . 10.68 -17.95 7.13
O1A BPH BA . 10.50 -17.99 8.52
O2A BPH BA . 11.14 -18.99 6.56
C1 BPH BA . 11.37 -20.20 7.22
C2 BPH BA . 11.32 -21.32 6.20
C3 BPH BA . 12.37 -21.51 5.17
C4 BPH BA . 13.69 -20.81 5.35
C5 BPH BA . 12.16 -22.39 3.95
C6 BPH BA . 10.76 -22.98 3.87
C7 BPH BA . 10.66 -24.13 2.87
C8 BPH BA . 9.48 -23.96 1.92
C9 BPH BA . 8.17 -24.26 2.63
C10 BPH BA . 9.60 -24.79 0.63
C11 BPH BA . 10.97 -24.74 -0.05
C12 BPH BA . 11.22 -23.46 -0.85
C13 BPH BA . 12.60 -22.84 -0.55
C14 BPH BA . 12.45 -21.38 -0.11
C15 BPH BA . 13.52 -22.97 -1.76
C16 BPH BA . 14.84 -23.66 -1.42
C17 BPH BA . 15.30 -24.64 -2.50
C18 BPH BA . 16.79 -24.52 -2.82
C19 BPH BA . 17.03 -24.58 -4.33
C20 BPH BA . 17.62 -25.57 -2.10
C1 U10 CA . 0.14 9.28 2.01
C2 U10 CA . 1.38 9.36 1.35
C3 U10 CA . 2.19 10.50 1.53
C4 U10 CA . 1.78 11.54 2.37
C5 U10 CA . 0.53 11.43 3.02
C6 U10 CA . -0.30 10.31 2.85
C1M U10 CA . -0.72 8.05 1.79
C3M U10 CA . 4.38 10.19 0.99
C4M U10 CA . 3.64 12.98 2.66
C7 U10 CA . -1.65 10.26 3.57
C8 U10 CA . -1.69 9.26 4.71
C9 U10 CA . -1.77 9.61 6.14
C10 U10 CA . -1.88 11.04 6.57
C11 U10 CA . -1.72 8.51 7.18
C12 U10 CA . -3.07 8.28 7.86
C13 U10 CA . -4.09 7.76 6.88
C14 U10 CA . -4.93 6.58 7.16
C15 U10 CA . -4.65 5.73 8.36
C16 U10 CA . -6.08 6.24 6.25
C17 U10 CA . -7.42 6.43 6.95
C18 U10 CA . -7.80 7.89 7.08
C19 U10 CA . -8.89 8.32 7.99
C20 U10 CA . -9.58 7.34 8.88
C21 U10 CA . -9.33 9.77 8.04
C22 U10 CA . -10.56 9.93 7.16
C23 U10 CA . -11.06 11.35 7.22
C24 U10 CA . -11.86 11.93 6.13
C25 U10 CA . -12.42 11.05 5.04
C26 U10 CA . -12.10 13.42 6.09
C27 U10 CA . -13.38 13.74 6.85
C28 U10 CA . -13.78 15.17 6.59
C29 U10 CA . -15.18 15.60 6.57
C30 U10 CA . -15.64 16.53 7.67
C31 U10 CA . -16.14 15.10 5.48
C32 U10 CA . -16.98 16.22 4.83
C33 U10 CA . -16.44 16.62 3.45
C34 U10 CA . -15.43 17.68 3.25
C35 U10 CA . -14.34 17.88 4.27
C36 U10 CA . -15.48 18.56 2.01
C37 U10 CA . -14.96 19.97 2.34
C38 U10 CA . -16.03 21.00 2.08
C39 U10 CA . -16.78 21.72 3.12
C40 U10 CA . -16.27 21.82 4.54
C41 U10 CA . -18.09 22.38 2.75
O2 U10 CA . 1.81 8.38 0.72
O3 U10 CA . 3.10 10.71 0.71
O4 U10 CA . 2.31 12.67 2.29
O5 U10 CA . 0.09 12.43 3.62
CM1 SPO DA . 6.41 -33.68 -4.28
O1 SPO DA . 6.57 -34.25 -2.98
C1 SPO DA . 7.59 -33.78 -2.07
C2 SPO DA . 8.96 -33.90 -2.76
C3 SPO DA . 7.60 -34.61 -0.80
C4 SPO DA . 7.29 -32.32 -1.73
C5 SPO DA . 5.84 -32.10 -1.33
C6 SPO DA . 5.51 -31.38 -0.11
C7 SPO DA . 4.13 -31.00 0.26
C8 SPO DA . 2.92 -31.35 -0.57
C9 SPO DA . 3.94 -30.27 1.51
C10 SPO DA . 2.86 -29.31 1.63
C11 SPO DA . 2.80 -28.54 2.85
C12 SPO DA . 1.56 -27.89 3.31
C13 SPO DA . 0.25 -28.08 2.60
C14 SPO DA . 1.67 -27.05 4.49
C15 SPO DA . 0.60 -26.19 4.93
C16 SPO DA . 0.85 -25.43 6.15
C17 SPO DA . -0.22 -24.56 6.66
C18 SPO DA . -1.45 -24.33 5.84
C19 SPO DA . 0.00 -23.95 7.98
C20 SPO DA . -1.04 -23.20 8.67
C21 SPO DA . -0.83 -22.87 10.06
C22 SPO DA . 0.36 -23.37 10.72
C23 SPO DA . 0.67 -23.03 12.12
C24 SPO DA . -0.15 -22.01 12.87
C25 SPO DA . 1.81 -23.70 12.74
C26 SPO DA . 2.39 -23.28 14.00
C27 SPO DA . 3.64 -23.92 14.45
C28 SPO DA . 4.30 -23.58 15.71
C29 SPO DA . 3.95 -22.31 16.45
C30 SPO DA . 5.37 -24.52 16.23
C31 SPO DA . 5.07 -24.95 17.66
C32 SPO DA . 6.16 -25.87 18.12
C33 SPO DA . 5.94 -27.26 18.59
C34 SPO DA . 4.55 -27.80 18.74
C35 SPO DA . 7.14 -28.13 18.94
C36 SPO DA . 7.52 -27.95 20.41
C37 SPO DA . 8.99 -28.35 20.62
C38 SPO DA . 10.03 -27.44 21.18
C39 SPO DA . 9.77 -25.99 21.52
C40 SPO DA . 11.41 -27.99 21.42
C1 CDL EA . 16.54 4.06 15.88
O1 CDL EA . 17.65 4.48 16.71
CA2 CDL EA . 15.24 4.14 16.69
OA2 CDL EA . 14.14 3.66 15.91
PA1 CDL EA . 12.79 4.51 15.72
OA3 CDL EA . 13.08 5.94 16.06
OA4 CDL EA . 12.22 4.19 14.37
OA5 CDL EA . 11.80 3.91 16.86
CA3 CDL EA . 11.56 4.59 18.11
CA4 CDL EA . 10.53 3.88 19.01
OA6 CDL EA . 9.34 4.68 19.14
CA5 CDL EA . 8.07 3.94 19.27
OA7 CDL EA . 7.87 2.96 18.54
C11 CDL EA . 7.17 4.34 20.12
C12 CDL EA . 6.01 4.01 20.93
C13 CDL EA . 4.73 4.15 20.97
C14 CDL EA . 3.98 3.56 22.17
C15 CDL EA . 2.90 4.52 22.62
C16 CDL EA . 2.13 4.20 23.57
C17 CDL EA . 1.34 3.90 24.49
C18 CDL EA . 1.41 4.56 25.80
C19 CDL EA . 0.32 5.12 26.25
C20 CDL EA . -0.45 6.20 26.33
C21 CDL EA . -0.93 6.66 27.65
C22 CDL EA . -1.89 7.58 27.80
C23 CDL EA . -2.59 8.26 26.65
C24 CDL EA . -4.04 8.51 26.99
CA6 CDL EA . 11.13 3.64 20.39
OA8 CDL EA . 11.55 2.28 20.54
CA7 CDL EA . 10.74 1.28 21.25
OA9 CDL EA . 10.70 1.31 22.47
C31 CDL EA . 9.98 0.26 20.47
C32 CDL EA . 9.12 -0.51 20.99
C33 CDL EA . 8.09 -1.13 21.56
C34 CDL EA . 6.78 -1.29 21.67
C35 CDL EA . 5.48 -1.11 22.37
C36 CDL EA . 4.68 -2.40 22.31
C37 CDL EA . 3.39 -2.39 22.65
C38 CDL EA . 2.55 -3.65 22.60
C39 CDL EA . 1.06 -3.32 22.63
C40 CDL EA . 0.46 -3.40 24.03
C41 CDL EA . -1.06 -3.29 24.01
C42 CDL EA . -1.69 -3.55 25.38
C43 CDL EA . -2.79 -4.59 25.31
CB2 CDL EA . 16.79 2.66 15.31
OB2 CDL EA . 17.06 1.69 16.34
PB2 CDL EA . 16.33 0.24 16.42
OB3 CDL EA . 16.27 -0.35 15.02
OB4 CDL EA . 16.97 -0.58 17.52
OB5 CDL EA . 14.81 0.61 16.84
CB3 CDL EA . 14.37 0.78 18.20
CB4 CDL EA . 13.00 0.12 18.42
OB6 CDL EA . 13.17 -1.25 18.85
CB5 CDL EA . 13.54 -1.52 20.26
OB7 CDL EA . 14.70 -1.35 20.61
C51 CDL EA . 12.51 -2.02 21.24
C52 CDL EA . 12.72 -3.50 21.55
C53 CDL EA . 12.77 -3.77 23.06
C54 CDL EA . 13.22 -5.20 23.37
C55 CDL EA . 13.25 -5.45 24.87
C56 CDL EA . 14.27 -6.54 25.23
C57 CDL EA . 13.97 -7.15 26.59
C58 CDL EA . 15.23 -7.64 27.27
CB6 CDL EA . 12.21 0.18 17.11
OB8 CDL EA . 10.81 0.39 17.29
CB7 CDL EA . 9.93 0.62 16.14
OB9 CDL EA . 9.65 1.76 15.82
C71 CDL EA . 9.38 -0.56 15.35
C72 CDL EA . 7.93 -0.88 15.73
C73 CDL EA . 7.66 -2.38 15.76
C74 CDL EA . 7.82 -2.95 17.16
C75 CDL EA . 6.51 -3.53 17.69
C76 CDL EA . 6.74 -4.66 18.69
C77 CDL EA . 6.09 -5.96 18.21
C78 CDL EA . 5.55 -6.75 19.38
C79 CDL EA . 5.44 -8.08 19.29
C80 CDL EA . 4.97 -8.85 20.28
C81 CDL EA . 4.49 -8.29 21.61
C82 CDL EA . 3.50 -9.24 22.26
C83 CDL EA . 2.15 -8.59 22.51
C84 CDL EA . 1.59 -8.91 23.89
C1 GOL FA . -18.25 -1.29 16.97
O1 GOL FA . -18.38 -1.51 18.36
C2 GOL FA . -18.01 0.18 16.67
O2 GOL FA . -17.35 0.81 17.75
C3 GOL FA . -17.19 0.29 15.39
O3 GOL FA . -16.78 1.62 15.16
#